data_7CWI
#
_entry.id   7CWI
#
_cell.length_a   159.802
_cell.length_b   159.802
_cell.length_c   96.167
_cell.angle_alpha   90.000
_cell.angle_beta   90.000
_cell.angle_gamma   120.000
#
_symmetry.space_group_name_H-M   'P 32 2 1'
#
loop_
_entity.id
_entity.type
_entity.pdbx_description
1 polymer beta-galactosidase
2 non-polymer GLYCEROL
3 non-polymer 'SULFATE ION'
4 non-polymer 'CHLORIDE ION'
5 water water
#
_entity_poly.entity_id   1
_entity_poly.type   'polypeptide(L)'
_entity_poly.pdbx_seq_one_letter_code
;MRRINFNDNWRFQREISTSLREAQKPSFNDHSWRQLSLPHDWSIELDFNKDSLATHEGGYLDGGVGWYRKTFTVPSAMEG
KRISLDFDGVYMNSTTYLNGEELGTYPFGYNAFSYDITDKLFMDGRENVLAVKVDNTQPSSRWYSGSGIYRNVYLTVTNP
VHVARYGTFVTTPDLESAYAARKAEVNIKTKINNDSDAAVQVKVKSTIYDTDGKEVASVVSQEKTAAAGTTAHFEDNTVI
ENPELWSLDNPYRYKLVTDVLIGGETVDTYETRFGARFFKFDANEGFSLNGKPMKLYGVSMHHDLGALGAATNARAVERQ
LQIMKDMGVNAIRGTHNPVSPEFLEAVNNLGLLLIEEAFDCWSQSKKTYDYGRFFTRWAEHDVKEMVDRGKNEPSIIMWS
IGNEIYDTTSPSGVETARNLVRWIKEIDTTRPTTIGEDKTRGDKVNVTPIDPNILEIFHTVDVVGLNYSENNYVGYHEQH
PNWKLYGSETSSATRSRGVYTHPYEYNLGTKYDDLQQSSYDNDYVPWGRTAEDAWKSDRDLKHFAGQFIWTGFDYIGEPT
PYYDSYPAKSSYFGAVDTAGFPKDIFYYYQSQWKKEPMVHLLPHWNWTEGEPVRVLAYTNAHQVELFLNGKSLGVRGYEN
KKTSWGAPYKETKDGKTYLEWAVPFKAGTLEAVAMDENGKEIARDQVTTAGAPAAVKLTADRKVIKADGTDLSFITAEIV
DSKGNVVPNADHLIQFHLSGHGELAGVDNGDAASVERYKDNKRKAFSGKALAIVQSNKLDGNITLHASAEGLSSGNVTIF
TTASADQLEHHHHHH
;
_entity_poly.pdbx_strand_id   A
#
loop_
_chem_comp.id
_chem_comp.type
_chem_comp.name
_chem_comp.formula
CL non-polymer 'CHLORIDE ION' 'Cl -1'
GOL non-polymer GLYCEROL 'C3 H8 O3'
SO4 non-polymer 'SULFATE ION' 'O4 S -2'
#
# COMPACT_ATOMS: atom_id res chain seq x y z
N MET A 1 -27.23 -9.81 -11.35
CA MET A 1 -26.31 -9.50 -10.20
C MET A 1 -26.27 -7.96 -10.10
N ARG A 2 -26.06 -7.42 -8.91
CA ARG A 2 -26.06 -5.95 -8.67
C ARG A 2 -24.74 -5.35 -9.18
N ARG A 3 -23.62 -6.06 -9.05
CA ARG A 3 -22.34 -5.54 -9.61
C ARG A 3 -21.75 -6.53 -10.60
N ILE A 4 -21.43 -6.07 -11.80
CA ILE A 4 -20.95 -6.90 -12.94
C ILE A 4 -19.48 -6.55 -13.19
N ASN A 5 -18.60 -7.54 -13.27
CA ASN A 5 -17.18 -7.35 -13.73
C ASN A 5 -17.22 -6.84 -15.17
N PHE A 6 -16.64 -5.67 -15.47
CA PHE A 6 -16.64 -5.09 -16.84
C PHE A 6 -15.21 -5.00 -17.42
N ASN A 7 -14.30 -5.82 -16.94
CA ASN A 7 -12.85 -5.80 -17.30
C ASN A 7 -12.52 -6.43 -18.66
N ASP A 8 -13.41 -7.22 -19.28
CA ASP A 8 -13.06 -8.06 -20.46
C ASP A 8 -13.38 -7.32 -21.75
N ASN A 9 -12.71 -7.70 -22.83
CA ASN A 9 -13.09 -7.36 -24.22
C ASN A 9 -12.83 -5.89 -24.49
N TRP A 10 -11.69 -5.37 -24.00
CA TRP A 10 -11.33 -3.98 -24.32
C TRP A 10 -10.29 -4.00 -25.44
N ARG A 11 -10.08 -2.83 -26.02
CA ARG A 11 -9.04 -2.56 -27.04
C ARG A 11 -8.27 -1.33 -26.59
N PHE A 12 -6.97 -1.33 -26.85
CA PHE A 12 -6.10 -0.26 -26.34
C PHE A 12 -5.10 0.16 -27.41
N GLN A 13 -4.76 1.45 -27.41
CA GLN A 13 -3.74 2.01 -28.27
C GLN A 13 -3.20 3.30 -27.69
N ARG A 14 -1.87 3.42 -27.62
CA ARG A 14 -1.21 4.67 -27.25
C ARG A 14 -1.30 5.60 -28.43
N GLU A 15 -1.44 6.89 -28.16
CA GLU A 15 -1.25 7.96 -29.14
C GLU A 15 0.25 8.24 -29.25
N ILE A 16 0.81 7.96 -30.43
CA ILE A 16 2.26 8.14 -30.69
C ILE A 16 2.40 9.10 -31.89
N SER A 17 2.39 8.63 -33.13
CA SER A 17 2.77 9.47 -34.29
C SER A 17 1.59 10.34 -34.78
N THR A 18 0.35 9.90 -34.65
CA THR A 18 -0.83 10.62 -35.20
C THR A 18 -1.98 10.64 -34.20
N SER A 19 -2.84 11.65 -34.30
CA SER A 19 -3.89 11.96 -33.31
C SER A 19 -4.88 10.79 -33.26
N LEU A 20 -5.29 10.37 -32.08
CA LEU A 20 -6.39 9.39 -31.93
C LEU A 20 -7.68 10.10 -31.52
N ARG A 21 -7.82 11.41 -31.75
CA ARG A 21 -9.03 12.16 -31.32
C ARG A 21 -10.31 11.51 -31.89
N GLU A 22 -10.25 10.87 -33.05
CA GLU A 22 -11.43 10.25 -33.70
C GLU A 22 -11.90 9.01 -32.93
N ALA A 23 -11.13 8.48 -31.98
CA ALA A 23 -11.43 7.16 -31.35
C ALA A 23 -12.67 7.29 -30.46
N GLN A 24 -13.10 8.51 -30.20
CA GLN A 24 -14.40 8.74 -29.52
C GLN A 24 -15.56 8.27 -30.41
N LYS A 25 -15.40 8.26 -31.73
CA LYS A 25 -16.52 7.96 -32.65
C LYS A 25 -16.79 6.46 -32.64
N PRO A 26 -18.06 6.05 -32.47
CA PRO A 26 -18.41 4.64 -32.60
C PRO A 26 -17.84 3.95 -33.85
N SER A 27 -17.87 4.62 -34.99
CA SER A 27 -17.48 4.07 -36.32
C SER A 27 -15.96 4.04 -36.50
N PHE A 28 -15.20 4.57 -35.55
CA PHE A 28 -13.72 4.54 -35.63
C PHE A 28 -13.27 3.09 -35.81
N ASN A 29 -12.25 2.89 -36.64
CA ASN A 29 -11.76 1.52 -36.96
C ASN A 29 -10.66 1.12 -35.97
N ASP A 30 -10.97 0.26 -35.00
CA ASP A 30 -10.03 -0.19 -33.94
C ASP A 30 -9.68 -1.65 -34.19
N HIS A 31 -9.88 -2.18 -35.41
CA HIS A 31 -9.63 -3.63 -35.65
C HIS A 31 -8.13 -3.91 -35.54
N SER A 32 -7.26 -2.93 -35.72
CA SER A 32 -5.79 -3.07 -35.53
C SER A 32 -5.40 -2.99 -34.06
N TRP A 33 -6.28 -2.56 -33.16
CA TRP A 33 -5.85 -2.28 -31.77
C TRP A 33 -5.63 -3.58 -31.04
N ARG A 34 -4.71 -3.54 -30.09
CA ARG A 34 -4.52 -4.61 -29.10
C ARG A 34 -5.81 -4.89 -28.32
N GLN A 35 -6.10 -6.17 -28.13
CA GLN A 35 -7.25 -6.70 -27.37
C GLN A 35 -6.75 -7.09 -26.01
N LEU A 36 -7.37 -6.63 -24.92
CA LEU A 36 -6.87 -6.95 -23.57
C LEU A 36 -8.02 -6.91 -22.58
N SER A 37 -7.73 -7.43 -21.41
CA SER A 37 -8.55 -7.35 -20.20
C SER A 37 -7.90 -6.33 -19.27
N LEU A 38 -8.73 -5.57 -18.55
CA LEU A 38 -8.28 -4.67 -17.46
C LEU A 38 -8.14 -5.54 -16.23
N PRO A 39 -7.47 -5.08 -15.15
CA PRO A 39 -6.79 -3.80 -15.12
C PRO A 39 -5.48 -3.81 -15.93
N HIS A 40 -5.05 -2.64 -16.29
CA HIS A 40 -3.97 -2.40 -17.28
C HIS A 40 -3.20 -1.14 -16.90
N ASP A 41 -1.88 -1.28 -16.93
CA ASP A 41 -0.91 -0.16 -16.82
C ASP A 41 -0.05 -0.21 -18.08
N TRP A 42 -0.17 0.75 -18.98
CA TRP A 42 0.58 0.72 -20.27
C TRP A 42 2.06 1.10 -20.04
N SER A 43 2.37 1.83 -18.98
CA SER A 43 3.76 2.33 -18.72
C SER A 43 4.69 1.14 -18.40
N ILE A 44 4.21 0.16 -17.63
CA ILE A 44 5.08 -0.93 -17.11
C ILE A 44 5.50 -1.89 -18.24
N GLU A 45 4.81 -1.87 -19.37
CA GLU A 45 5.12 -2.71 -20.54
C GLU A 45 6.20 -2.06 -21.42
N LEU A 46 6.58 -0.80 -21.17
CA LEU A 46 7.48 -0.07 -22.08
C LEU A 46 8.91 -0.29 -21.63
N ASP A 47 9.84 -0.20 -22.57
CA ASP A 47 11.28 -0.19 -22.22
C ASP A 47 11.55 1.10 -21.43
N PHE A 48 12.51 1.06 -20.53
CA PHE A 48 13.01 2.28 -19.89
C PHE A 48 13.54 3.23 -20.97
N ASN A 49 13.34 4.51 -20.71
CA ASN A 49 13.69 5.62 -21.62
C ASN A 49 14.41 6.69 -20.80
N LYS A 50 15.73 6.79 -20.92
N LYS A 50 15.74 6.78 -20.91
CA LYS A 50 16.53 7.76 -20.13
CA LYS A 50 16.55 7.76 -20.16
C LYS A 50 16.11 9.19 -20.46
C LYS A 50 16.09 9.19 -20.45
N ASP A 51 15.50 9.44 -21.62
CA ASP A 51 15.02 10.80 -22.02
C ASP A 51 13.54 10.96 -21.68
N SER A 52 12.94 10.10 -20.87
CA SER A 52 11.48 10.16 -20.56
C SER A 52 11.14 11.48 -19.89
N LEU A 53 10.01 12.06 -20.28
CA LEU A 53 9.45 13.24 -19.57
C LEU A 53 9.09 12.85 -18.14
N ALA A 54 8.99 11.57 -17.81
CA ALA A 54 8.75 11.12 -16.41
C ALA A 54 9.97 11.40 -15.54
N THR A 55 11.15 11.45 -16.18
CA THR A 55 12.47 11.62 -15.50
C THR A 55 12.72 10.48 -14.53
N HIS A 56 13.77 10.60 -13.74
CA HIS A 56 14.03 9.61 -12.66
C HIS A 56 12.84 9.54 -11.70
N GLU A 57 12.13 10.64 -11.50
CA GLU A 57 11.09 10.70 -10.43
C GLU A 57 10.02 9.65 -10.73
N GLY A 58 9.65 9.53 -12.01
CA GLY A 58 8.65 8.57 -12.51
C GLY A 58 9.25 7.29 -13.02
N GLY A 59 10.52 7.05 -12.74
CA GLY A 59 11.17 5.77 -13.08
C GLY A 59 11.47 5.63 -14.56
N TYR A 60 11.55 6.72 -15.31
CA TYR A 60 11.94 6.67 -16.74
C TYR A 60 11.01 5.77 -17.57
N LEU A 61 9.71 5.79 -17.24
CA LEU A 61 8.71 5.04 -18.01
C LEU A 61 7.69 6.03 -18.56
N ASP A 62 7.54 6.06 -19.87
CA ASP A 62 6.67 7.02 -20.58
C ASP A 62 5.20 6.79 -20.18
N GLY A 63 4.47 7.87 -20.21
CA GLY A 63 3.00 7.91 -20.08
C GLY A 63 2.37 8.43 -21.36
N GLY A 64 2.03 9.72 -21.38
CA GLY A 64 1.44 10.31 -22.59
C GLY A 64 -0.05 10.00 -22.65
N VAL A 65 -0.59 9.95 -23.86
CA VAL A 65 -2.04 9.77 -24.10
C VAL A 65 -2.26 8.34 -24.57
N GLY A 66 -3.30 7.73 -24.05
CA GLY A 66 -3.73 6.41 -24.50
C GLY A 66 -5.24 6.34 -24.53
N TRP A 67 -5.78 5.46 -25.40
CA TRP A 67 -7.24 5.29 -25.58
C TRP A 67 -7.59 3.84 -25.38
N TYR A 68 -8.72 3.64 -24.72
CA TYR A 68 -9.37 2.33 -24.56
C TYR A 68 -10.74 2.44 -25.24
N ARG A 69 -11.15 1.35 -25.89
CA ARG A 69 -12.49 1.26 -26.51
C ARG A 69 -13.08 -0.11 -26.15
N LYS A 70 -14.39 -0.17 -25.97
CA LYS A 70 -15.11 -1.42 -25.73
C LYS A 70 -16.45 -1.34 -26.45
N THR A 71 -16.70 -2.36 -27.26
CA THR A 71 -17.94 -2.52 -28.04
C THR A 71 -18.72 -3.64 -27.40
N PHE A 72 -19.96 -3.41 -26.96
CA PHE A 72 -20.73 -4.39 -26.18
C PHE A 72 -22.24 -4.19 -26.43
N THR A 73 -23.00 -5.23 -26.10
CA THR A 73 -24.48 -5.20 -26.14
C THR A 73 -24.94 -5.31 -24.70
N VAL A 74 -26.15 -4.85 -24.44
CA VAL A 74 -26.75 -4.92 -23.10
C VAL A 74 -27.67 -6.13 -23.05
N PRO A 75 -27.52 -7.05 -22.08
CA PRO A 75 -28.47 -8.15 -21.93
C PRO A 75 -29.89 -7.64 -21.64
N SER A 76 -30.92 -8.34 -22.12
CA SER A 76 -32.34 -7.93 -22.00
C SER A 76 -32.75 -7.94 -20.50
N ALA A 77 -32.11 -8.77 -19.68
CA ALA A 77 -32.30 -8.81 -18.21
C ALA A 77 -31.97 -7.45 -17.57
N MET A 78 -31.48 -6.47 -18.31
CA MET A 78 -31.07 -5.15 -17.73
C MET A 78 -32.09 -4.07 -18.13
N GLU A 79 -33.10 -4.37 -18.95
CA GLU A 79 -34.13 -3.39 -19.39
C GLU A 79 -34.89 -2.88 -18.15
N GLY A 80 -35.13 -1.57 -18.05
CA GLY A 80 -35.75 -0.91 -16.88
C GLY A 80 -34.88 -0.88 -15.64
N LYS A 81 -33.60 -1.28 -15.70
CA LYS A 81 -32.66 -1.13 -14.55
C LYS A 81 -31.92 0.21 -14.66
N ARG A 82 -31.49 0.72 -13.51
CA ARG A 82 -30.48 1.80 -13.49
C ARG A 82 -29.12 1.10 -13.72
N ILE A 83 -28.37 1.60 -14.67
CA ILE A 83 -27.02 1.07 -14.99
C ILE A 83 -26.03 2.24 -14.82
N SER A 84 -24.96 1.99 -14.06
CA SER A 84 -23.82 2.92 -13.94
C SER A 84 -22.52 2.22 -14.40
N LEU A 85 -21.63 2.99 -15.04
CA LEU A 85 -20.24 2.56 -15.36
C LEU A 85 -19.35 3.07 -14.23
N ASP A 86 -18.71 2.14 -13.52
CA ASP A 86 -17.91 2.41 -12.31
C ASP A 86 -16.42 2.09 -12.59
N PHE A 87 -15.57 3.10 -12.52
CA PHE A 87 -14.10 2.94 -12.57
C PHE A 87 -13.58 3.05 -11.16
N ASP A 88 -12.79 2.08 -10.70
CA ASP A 88 -12.13 2.16 -9.37
C ASP A 88 -10.97 3.18 -9.44
N GLY A 89 -10.47 3.45 -10.64
CA GLY A 89 -9.36 4.43 -10.80
C GLY A 89 -8.72 4.38 -12.17
N VAL A 90 -8.45 5.56 -12.71
CA VAL A 90 -7.81 5.76 -14.04
C VAL A 90 -6.74 6.84 -13.88
N TYR A 91 -5.47 6.50 -14.13
CA TYR A 91 -4.36 7.48 -14.02
C TYR A 91 -3.98 7.96 -15.41
N MET A 92 -4.29 9.20 -15.77
CA MET A 92 -5.08 10.18 -15.05
C MET A 92 -5.77 11.08 -16.09
N ASN A 93 -6.51 12.09 -15.65
CA ASN A 93 -7.14 13.13 -16.51
C ASN A 93 -7.87 12.45 -17.67
N SER A 94 -8.79 11.56 -17.36
CA SER A 94 -9.50 10.77 -18.37
C SER A 94 -10.71 11.56 -18.91
N THR A 95 -11.13 11.19 -20.12
CA THR A 95 -12.40 11.63 -20.69
C THR A 95 -13.11 10.38 -21.21
N THR A 96 -14.35 10.17 -20.78
CA THR A 96 -15.11 8.98 -21.13
C THR A 96 -16.26 9.38 -22.07
N TYR A 97 -16.48 8.56 -23.09
CA TYR A 97 -17.47 8.77 -24.17
C TYR A 97 -18.28 7.49 -24.31
N LEU A 98 -19.60 7.61 -24.45
CA LEU A 98 -20.44 6.45 -24.81
C LEU A 98 -21.24 6.81 -26.06
N ASN A 99 -21.14 6.00 -27.11
CA ASN A 99 -21.90 6.23 -28.36
C ASN A 99 -21.59 7.61 -28.91
N GLY A 100 -20.32 8.05 -28.83
CA GLY A 100 -19.86 9.32 -29.39
C GLY A 100 -20.13 10.53 -28.53
N GLU A 101 -20.76 10.42 -27.36
CA GLU A 101 -21.08 11.60 -26.49
C GLU A 101 -20.29 11.52 -25.18
N GLU A 102 -19.76 12.65 -24.71
CA GLU A 102 -18.95 12.69 -23.46
C GLU A 102 -19.85 12.35 -22.28
N LEU A 103 -19.50 11.38 -21.46
CA LEU A 103 -20.10 11.20 -20.12
C LEU A 103 -19.47 12.18 -19.15
N GLY A 104 -18.17 12.41 -19.24
CA GLY A 104 -17.53 13.37 -18.35
C GLY A 104 -16.02 13.24 -18.45
N THR A 105 -15.34 14.04 -17.66
CA THR A 105 -13.87 14.04 -17.53
C THR A 105 -13.55 13.90 -16.03
N TYR A 106 -12.45 13.23 -15.67
CA TYR A 106 -12.07 12.95 -14.26
C TYR A 106 -10.57 13.14 -14.07
N PRO A 107 -10.15 14.28 -13.53
CA PRO A 107 -8.73 14.60 -13.41
C PRO A 107 -7.95 13.66 -12.51
N PHE A 108 -8.41 13.47 -11.28
CA PHE A 108 -7.64 12.76 -10.23
C PHE A 108 -7.44 11.29 -10.57
N GLY A 109 -6.23 10.80 -10.31
CA GLY A 109 -5.82 9.49 -10.80
C GLY A 109 -6.01 8.36 -9.79
N TYR A 110 -6.49 8.64 -8.56
CA TYR A 110 -6.49 7.66 -7.46
C TYR A 110 -7.85 7.56 -6.76
N ASN A 111 -8.91 8.04 -7.39
CA ASN A 111 -10.28 7.85 -6.84
C ASN A 111 -11.12 7.11 -7.87
N ALA A 112 -12.11 6.43 -7.34
CA ALA A 112 -13.21 5.84 -8.13
C ALA A 112 -14.09 6.98 -8.59
N PHE A 113 -14.76 6.74 -9.69
CA PHE A 113 -15.76 7.66 -10.26
C PHE A 113 -16.74 6.82 -11.04
N SER A 114 -17.92 7.37 -11.30
CA SER A 114 -19.07 6.61 -11.82
C SER A 114 -19.90 7.50 -12.73
N TYR A 115 -20.43 6.96 -13.82
CA TYR A 115 -21.34 7.67 -14.71
C TYR A 115 -22.63 6.88 -14.85
N ASP A 116 -23.78 7.54 -14.68
CA ASP A 116 -25.11 6.90 -14.90
C ASP A 116 -25.26 6.80 -16.40
N ILE A 117 -25.42 5.61 -16.94
CA ILE A 117 -25.62 5.46 -18.40
C ILE A 117 -27.01 4.83 -18.69
N THR A 118 -27.93 4.76 -17.73
CA THR A 118 -29.30 4.21 -17.91
C THR A 118 -29.94 4.72 -19.23
N ASP A 119 -29.95 6.00 -19.48
CA ASP A 119 -30.72 6.54 -20.63
C ASP A 119 -29.83 6.69 -21.85
N LYS A 120 -28.58 6.26 -21.79
CA LYS A 120 -27.63 6.50 -22.91
C LYS A 120 -27.32 5.19 -23.65
N LEU A 121 -27.58 4.05 -23.04
CA LEU A 121 -27.27 2.76 -23.69
C LEU A 121 -28.28 2.52 -24.81
N PHE A 122 -27.83 1.95 -25.91
CA PHE A 122 -28.68 1.26 -26.92
C PHE A 122 -29.04 -0.12 -26.37
N MET A 123 -30.32 -0.35 -26.08
CA MET A 123 -30.84 -1.70 -25.72
C MET A 123 -31.23 -2.43 -27.02
N ASP A 124 -31.98 -3.54 -26.94
CA ASP A 124 -32.42 -4.35 -28.11
C ASP A 124 -31.22 -5.03 -28.77
N GLY A 125 -30.17 -5.35 -28.01
CA GLY A 125 -28.91 -5.96 -28.50
C GLY A 125 -28.25 -5.14 -29.60
N ARG A 126 -28.46 -3.83 -29.69
CA ARG A 126 -27.64 -2.98 -30.58
C ARG A 126 -26.26 -2.76 -29.92
N GLU A 127 -25.23 -2.53 -30.72
CA GLU A 127 -23.80 -2.35 -30.30
C GLU A 127 -23.69 -0.98 -29.63
N ASN A 128 -23.10 -0.94 -28.45
CA ASN A 128 -22.68 0.32 -27.78
C ASN A 128 -21.14 0.45 -27.88
N VAL A 129 -20.61 1.67 -27.96
CA VAL A 129 -19.14 1.89 -27.96
C VAL A 129 -18.75 2.89 -26.87
N LEU A 130 -17.95 2.41 -25.90
CA LEU A 130 -17.29 3.21 -24.85
C LEU A 130 -15.88 3.55 -25.34
N ALA A 131 -15.47 4.79 -25.17
CA ALA A 131 -14.09 5.24 -25.47
C ALA A 131 -13.63 6.07 -24.27
N VAL A 132 -12.45 5.73 -23.75
CA VAL A 132 -11.83 6.40 -22.60
C VAL A 132 -10.49 6.94 -23.11
N LYS A 133 -10.37 8.25 -23.13
CA LYS A 133 -9.08 8.91 -23.33
C LYS A 133 -8.42 9.06 -21.97
N VAL A 134 -7.19 8.60 -21.88
CA VAL A 134 -6.37 8.75 -20.67
C VAL A 134 -5.22 9.66 -21.00
N ASP A 135 -5.10 10.75 -20.26
CA ASP A 135 -4.08 11.76 -20.56
C ASP A 135 -3.10 11.86 -19.39
N ASN A 136 -2.03 11.05 -19.45
CA ASN A 136 -0.95 11.12 -18.46
C ASN A 136 0.21 11.84 -19.15
N THR A 137 -0.03 13.04 -19.69
CA THR A 137 1.06 13.96 -20.06
C THR A 137 1.97 14.15 -18.85
N GLN A 138 3.27 14.01 -19.08
CA GLN A 138 4.28 13.98 -18.00
C GLN A 138 5.10 15.26 -18.06
N PRO A 139 5.69 15.70 -16.96
CA PRO A 139 5.68 15.04 -15.65
C PRO A 139 4.44 15.38 -14.79
N SER A 140 3.83 14.33 -14.25
CA SER A 140 2.61 14.42 -13.41
C SER A 140 2.89 13.92 -11.99
N SER A 141 4.06 13.36 -11.69
CA SER A 141 4.21 12.56 -10.45
C SER A 141 5.63 12.60 -9.92
N ARG A 142 5.79 12.60 -8.60
CA ARG A 142 7.12 12.50 -7.90
C ARG A 142 7.51 11.02 -7.69
N TRP A 143 6.65 10.08 -8.07
CA TRP A 143 6.92 8.62 -7.98
C TRP A 143 6.35 8.00 -9.24
N TYR A 144 6.62 6.73 -9.49
CA TYR A 144 5.99 5.98 -10.61
C TYR A 144 4.47 5.92 -10.39
N SER A 145 3.71 6.49 -11.33
CA SER A 145 2.23 6.51 -11.31
C SER A 145 1.70 5.27 -12.03
N GLY A 146 2.33 4.88 -13.14
CA GLY A 146 1.61 4.07 -14.12
C GLY A 146 0.67 4.93 -14.93
N SER A 147 0.10 4.36 -15.98
CA SER A 147 -0.82 5.03 -16.92
C SER A 147 -1.94 4.07 -17.28
N GLY A 148 -3.19 4.53 -17.28
CA GLY A 148 -4.31 3.75 -17.84
C GLY A 148 -5.30 3.36 -16.80
N ILE A 149 -6.14 2.42 -17.18
CA ILE A 149 -7.25 1.92 -16.33
C ILE A 149 -6.62 0.81 -15.50
N TYR A 150 -5.95 1.21 -14.44
CA TYR A 150 -5.06 0.36 -13.63
C TYR A 150 -5.83 -0.27 -12.47
N ARG A 151 -7.07 0.13 -12.23
CA ARG A 151 -7.93 -0.52 -11.21
C ARG A 151 -9.17 -1.09 -11.90
N ASN A 152 -9.92 -1.92 -11.21
CA ASN A 152 -11.05 -2.67 -11.80
C ASN A 152 -12.14 -1.74 -12.34
N VAL A 153 -12.94 -2.25 -13.27
CA VAL A 153 -14.10 -1.54 -13.85
C VAL A 153 -15.34 -2.45 -13.68
N TYR A 154 -16.47 -1.84 -13.35
CA TYR A 154 -17.72 -2.57 -13.03
C TYR A 154 -18.89 -1.87 -13.69
N LEU A 155 -20.01 -2.60 -13.85
CA LEU A 155 -21.35 -1.98 -13.97
C LEU A 155 -22.09 -2.22 -12.67
N THR A 156 -22.83 -1.22 -12.22
CA THR A 156 -23.79 -1.38 -11.10
C THR A 156 -25.19 -1.34 -11.74
N VAL A 157 -26.01 -2.35 -11.44
CA VAL A 157 -27.36 -2.59 -12.04
C VAL A 157 -28.37 -2.73 -10.89
N THR A 158 -29.29 -1.79 -10.79
CA THR A 158 -30.28 -1.76 -9.67
C THR A 158 -31.65 -1.43 -10.27
N ASN A 159 -32.68 -1.66 -9.45
CA ASN A 159 -34.06 -1.16 -9.69
C ASN A 159 -34.02 0.36 -9.53
N PRO A 160 -35.03 1.08 -10.07
CA PRO A 160 -35.04 2.53 -10.00
C PRO A 160 -34.97 3.10 -8.58
N VAL A 161 -35.39 2.39 -7.55
CA VAL A 161 -35.29 2.89 -6.17
C VAL A 161 -34.26 2.01 -5.49
N HIS A 162 -33.20 2.57 -4.93
CA HIS A 162 -32.02 1.75 -4.58
C HIS A 162 -31.19 2.46 -3.52
N VAL A 163 -30.41 1.69 -2.77
CA VAL A 163 -29.38 2.27 -1.87
C VAL A 163 -28.39 3.00 -2.78
N ALA A 164 -28.12 4.23 -2.41
CA ALA A 164 -27.21 5.14 -3.14
C ALA A 164 -25.81 4.50 -3.20
N ARG A 165 -24.97 5.01 -4.07
CA ARG A 165 -23.51 4.69 -4.03
C ARG A 165 -23.01 5.13 -2.67
N TYR A 166 -22.25 4.27 -1.98
CA TYR A 166 -21.69 4.48 -0.63
C TYR A 166 -22.86 4.82 0.33
N GLY A 167 -24.04 4.23 0.10
CA GLY A 167 -25.30 4.69 0.73
C GLY A 167 -25.53 4.17 2.13
N THR A 168 -24.56 3.53 2.76
CA THR A 168 -24.70 3.16 4.19
C THR A 168 -23.53 3.72 4.96
N PHE A 169 -23.80 4.06 6.19
CA PHE A 169 -22.78 4.49 7.18
C PHE A 169 -23.12 3.77 8.47
N VAL A 170 -22.35 2.73 8.76
CA VAL A 170 -22.47 1.95 10.02
C VAL A 170 -21.46 2.40 11.04
N THR A 171 -21.89 2.80 12.23
CA THR A 171 -21.01 3.26 13.31
C THR A 171 -21.35 2.52 14.61
N THR A 172 -20.43 2.57 15.56
CA THR A 172 -20.57 1.97 16.91
C THR A 172 -20.29 3.07 17.91
N PRO A 173 -21.23 4.01 18.12
CA PRO A 173 -21.03 5.12 19.06
C PRO A 173 -20.79 4.60 20.48
N ASP A 174 -19.88 5.23 21.21
CA ASP A 174 -19.53 4.93 22.63
C ASP A 174 -19.33 3.43 22.81
N LEU A 175 -18.61 2.79 21.89
CA LEU A 175 -18.37 1.34 21.92
C LEU A 175 -17.63 0.98 23.22
N GLU A 176 -16.73 1.80 23.74
CA GLU A 176 -15.99 1.41 24.96
C GLU A 176 -17.01 1.09 26.06
N SER A 177 -17.93 2.02 26.33
CA SER A 177 -19.05 1.89 27.31
C SER A 177 -19.92 0.69 26.96
N ALA A 178 -20.45 0.63 25.76
CA ALA A 178 -21.35 -0.46 25.35
C ALA A 178 -20.64 -1.80 25.64
N TYR A 179 -19.36 -1.91 25.28
CA TYR A 179 -18.61 -3.19 25.31
C TYR A 179 -18.47 -3.72 26.75
N ALA A 180 -18.18 -2.84 27.69
CA ALA A 180 -18.14 -3.17 29.13
C ALA A 180 -19.53 -3.63 29.61
N ALA A 181 -20.62 -3.33 28.89
CA ALA A 181 -21.99 -3.80 29.16
C ALA A 181 -22.33 -4.97 28.25
N ARG A 182 -21.31 -5.61 27.71
CA ARG A 182 -21.41 -6.80 26.84
C ARG A 182 -22.26 -6.50 25.60
N LYS A 183 -22.12 -5.32 24.99
CA LYS A 183 -22.79 -5.10 23.68
C LYS A 183 -22.03 -4.10 22.79
N ALA A 184 -22.48 -4.03 21.54
CA ALA A 184 -22.15 -2.92 20.61
C ALA A 184 -23.45 -2.29 20.15
N GLU A 185 -23.56 -1.00 20.44
CA GLU A 185 -24.66 -0.14 19.90
C GLU A 185 -24.25 0.20 18.46
N VAL A 186 -25.12 -0.10 17.51
CA VAL A 186 -24.88 0.05 16.05
C VAL A 186 -25.86 1.08 15.49
N ASN A 187 -25.32 2.22 15.07
CA ASN A 187 -26.06 3.32 14.39
C ASN A 187 -25.94 3.06 12.89
N ILE A 188 -27.05 3.02 12.17
CA ILE A 188 -27.04 2.81 10.70
C ILE A 188 -27.73 3.98 10.00
N LYS A 189 -26.99 4.73 9.19
CA LYS A 189 -27.59 5.77 8.33
C LYS A 189 -27.59 5.27 6.90
N THR A 190 -28.76 5.29 6.26
CA THR A 190 -28.97 4.73 4.91
C THR A 190 -29.52 5.81 3.97
N LYS A 191 -28.96 5.91 2.76
CA LYS A 191 -29.40 6.85 1.71
C LYS A 191 -30.08 6.05 0.62
N ILE A 192 -31.37 6.31 0.34
CA ILE A 192 -32.15 5.70 -0.76
C ILE A 192 -32.36 6.74 -1.84
N ASN A 193 -31.90 6.45 -3.06
CA ASN A 193 -32.18 7.29 -4.23
C ASN A 193 -33.46 6.74 -4.85
N ASN A 194 -34.38 7.62 -5.17
CA ASN A 194 -35.48 7.34 -6.10
C ASN A 194 -35.11 7.92 -7.45
N ASP A 195 -34.67 7.07 -8.39
CA ASP A 195 -34.33 7.45 -9.79
C ASP A 195 -35.49 7.07 -10.71
N SER A 196 -36.69 6.76 -10.18
CA SER A 196 -37.92 6.58 -11.00
C SER A 196 -38.45 7.97 -11.33
N ASP A 197 -39.51 8.02 -12.12
CA ASP A 197 -40.14 9.32 -12.44
C ASP A 197 -41.31 9.65 -11.47
N ALA A 198 -41.50 8.97 -10.34
CA ALA A 198 -42.60 9.33 -9.41
C ALA A 198 -42.20 9.05 -7.98
N ALA A 199 -42.79 9.80 -7.04
CA ALA A 199 -42.50 9.65 -5.61
C ALA A 199 -42.94 8.26 -5.18
N VAL A 200 -42.26 7.75 -4.15
CA VAL A 200 -42.60 6.49 -3.47
C VAL A 200 -42.51 6.71 -1.99
N GLN A 201 -43.10 5.80 -1.23
CA GLN A 201 -42.87 5.65 0.21
C GLN A 201 -41.94 4.46 0.38
N VAL A 202 -40.92 4.57 1.23
CA VAL A 202 -39.88 3.50 1.32
C VAL A 202 -39.59 3.30 2.78
N LYS A 203 -39.34 2.06 3.14
CA LYS A 203 -38.81 1.66 4.46
C LYS A 203 -37.48 0.97 4.19
N VAL A 204 -36.61 0.96 5.19
CA VAL A 204 -35.32 0.25 5.10
C VAL A 204 -35.27 -0.82 6.17
N LYS A 205 -35.07 -2.06 5.76
CA LYS A 205 -34.74 -3.10 6.74
C LYS A 205 -33.23 -3.33 6.80
N SER A 206 -32.68 -3.34 7.99
CA SER A 206 -31.26 -3.55 8.28
C SER A 206 -31.12 -4.86 9.08
N THR A 207 -30.46 -5.86 8.51
CA THR A 207 -30.16 -7.12 9.22
C THR A 207 -28.64 -7.30 9.30
N ILE A 208 -28.13 -7.48 10.50
CA ILE A 208 -26.70 -7.76 10.76
C ILE A 208 -26.49 -9.27 10.97
N TYR A 209 -25.53 -9.82 10.22
CA TYR A 209 -25.04 -11.22 10.33
C TYR A 209 -23.59 -11.25 10.84
N ASP A 210 -23.26 -12.25 11.65
CA ASP A 210 -21.87 -12.61 12.05
C ASP A 210 -21.18 -13.28 10.85
N THR A 211 -19.89 -13.61 10.96
CA THR A 211 -19.09 -14.17 9.83
C THR A 211 -19.55 -15.56 9.42
N ASP A 212 -20.29 -16.27 10.27
CA ASP A 212 -20.87 -17.61 9.96
C ASP A 212 -22.21 -17.44 9.26
N GLY A 213 -22.73 -16.22 9.19
CA GLY A 213 -24.03 -15.96 8.54
C GLY A 213 -25.21 -16.13 9.48
N LYS A 214 -24.98 -16.13 10.80
CA LYS A 214 -26.05 -16.10 11.81
C LYS A 214 -26.55 -14.65 11.99
N GLU A 215 -27.88 -14.43 11.91
CA GLU A 215 -28.48 -13.12 12.23
C GLU A 215 -28.17 -12.77 13.68
N VAL A 216 -27.69 -11.55 13.96
CA VAL A 216 -27.41 -11.08 15.35
C VAL A 216 -28.22 -9.84 15.71
N ALA A 217 -28.83 -9.14 14.76
CA ALA A 217 -29.58 -7.90 15.03
C ALA A 217 -30.44 -7.58 13.80
N SER A 218 -31.54 -6.86 14.03
CA SER A 218 -32.50 -6.54 12.94
C SER A 218 -33.17 -5.22 13.27
N VAL A 219 -33.39 -4.33 12.33
CA VAL A 219 -34.23 -3.13 12.64
C VAL A 219 -34.91 -2.67 11.36
N VAL A 220 -36.18 -2.25 11.47
CA VAL A 220 -36.93 -1.72 10.31
C VAL A 220 -37.16 -0.24 10.61
N SER A 221 -36.87 0.62 9.64
CA SER A 221 -37.06 2.07 9.77
C SER A 221 -38.56 2.41 9.72
N GLN A 222 -38.87 3.62 10.13
CA GLN A 222 -40.12 4.33 9.76
C GLN A 222 -40.13 4.48 8.23
N GLU A 223 -41.32 4.67 7.71
CA GLU A 223 -41.57 4.99 6.29
C GLU A 223 -41.19 6.44 6.02
N LYS A 224 -40.70 6.73 4.83
CA LYS A 224 -40.39 8.11 4.44
C LYS A 224 -40.66 8.27 2.97
N THR A 225 -41.00 9.49 2.60
CA THR A 225 -41.22 9.83 1.18
C THR A 225 -39.86 9.95 0.50
N ALA A 226 -39.73 9.41 -0.70
CA ALA A 226 -38.62 9.73 -1.61
C ALA A 226 -39.26 10.27 -2.89
N ALA A 227 -39.25 11.59 -3.04
CA ALA A 227 -39.68 12.27 -4.28
C ALA A 227 -38.79 11.82 -5.45
N ALA A 228 -39.33 11.87 -6.66
CA ALA A 228 -38.63 11.51 -7.89
C ALA A 228 -37.35 12.37 -8.01
N GLY A 229 -36.22 11.75 -8.28
CA GLY A 229 -34.89 12.38 -8.42
C GLY A 229 -34.30 12.82 -7.11
N THR A 230 -34.73 12.29 -5.95
CA THR A 230 -34.17 12.79 -4.69
C THR A 230 -33.69 11.62 -3.89
N THR A 231 -32.99 11.92 -2.82
CA THR A 231 -32.48 10.95 -1.84
C THR A 231 -33.28 11.08 -0.54
N ALA A 232 -33.73 9.97 0.05
CA ALA A 232 -34.29 9.92 1.41
C ALA A 232 -33.21 9.42 2.37
N HIS A 233 -33.13 9.99 3.55
CA HIS A 233 -32.13 9.66 4.59
C HIS A 233 -32.82 8.92 5.72
N PHE A 234 -32.28 7.78 6.15
CA PHE A 234 -32.82 6.99 7.29
C PHE A 234 -31.74 6.86 8.32
N GLU A 235 -32.14 6.76 9.60
CA GLU A 235 -31.20 6.55 10.71
C GLU A 235 -31.88 5.60 11.69
N ASP A 236 -31.26 4.47 11.97
CA ASP A 236 -31.84 3.36 12.79
C ASP A 236 -30.75 2.92 13.77
N ASN A 237 -31.15 2.46 14.96
CA ASN A 237 -30.21 1.94 15.98
C ASN A 237 -30.58 0.48 16.25
N THR A 238 -29.58 -0.37 16.48
CA THR A 238 -29.76 -1.76 16.95
C THR A 238 -28.58 -2.12 17.85
N VAL A 239 -28.54 -3.38 18.29
CA VAL A 239 -27.60 -3.85 19.33
C VAL A 239 -27.11 -5.22 18.89
N ILE A 240 -25.80 -5.41 18.98
CA ILE A 240 -25.16 -6.75 18.89
C ILE A 240 -24.83 -7.16 20.33
N GLU A 241 -25.38 -8.29 20.79
CA GLU A 241 -25.13 -8.81 22.17
C GLU A 241 -23.74 -9.47 22.19
N ASN A 242 -22.90 -9.24 23.21
CA ASN A 242 -21.59 -9.95 23.30
C ASN A 242 -20.87 -9.88 21.95
N PRO A 243 -20.57 -8.66 21.45
CA PRO A 243 -19.95 -8.53 20.12
C PRO A 243 -18.49 -9.05 20.09
N GLU A 244 -18.05 -9.56 18.94
CA GLU A 244 -16.61 -9.79 18.58
C GLU A 244 -15.98 -8.50 18.04
N LEU A 245 -15.03 -7.90 18.74
CA LEU A 245 -14.36 -6.66 18.28
C LEU A 245 -13.43 -6.97 17.10
N TRP A 246 -13.22 -5.99 16.24
CA TRP A 246 -12.15 -6.02 15.22
C TRP A 246 -10.85 -5.59 15.89
N SER A 247 -9.83 -6.43 15.83
CA SER A 247 -8.52 -6.14 16.44
C SER A 247 -7.43 -6.66 15.49
N LEU A 248 -6.18 -6.36 15.80
CA LEU A 248 -5.04 -6.73 14.90
C LEU A 248 -4.94 -8.28 14.80
N ASP A 249 -5.12 -8.97 15.93
CA ASP A 249 -5.03 -10.47 16.06
C ASP A 249 -6.32 -11.12 15.58
N ASN A 250 -7.45 -10.43 15.64
CA ASN A 250 -8.74 -11.04 15.23
C ASN A 250 -9.56 -10.00 14.46
N PRO A 251 -9.32 -9.87 13.14
CA PRO A 251 -9.96 -8.80 12.34
C PRO A 251 -11.38 -9.13 11.89
N TYR A 252 -12.24 -9.28 12.90
CA TYR A 252 -13.61 -9.82 12.77
C TYR A 252 -14.50 -8.75 12.15
N ARG A 253 -15.24 -9.11 11.12
CA ARG A 253 -16.19 -8.19 10.45
C ARG A 253 -17.57 -8.84 10.38
N TYR A 254 -18.59 -8.08 10.75
CA TYR A 254 -20.02 -8.39 10.54
C TYR A 254 -20.40 -7.95 9.15
N LYS A 255 -21.59 -8.37 8.74
CA LYS A 255 -22.19 -7.98 7.45
C LYS A 255 -23.60 -7.42 7.69
N LEU A 256 -23.80 -6.17 7.28
CA LEU A 256 -25.13 -5.53 7.21
C LEU A 256 -25.72 -5.87 5.86
N VAL A 257 -26.96 -6.39 5.88
CA VAL A 257 -27.77 -6.53 4.65
C VAL A 257 -28.89 -5.50 4.78
N THR A 258 -28.94 -4.61 3.78
CA THR A 258 -29.93 -3.52 3.66
C THR A 258 -30.95 -3.96 2.63
N ASP A 259 -32.22 -4.04 3.03
CA ASP A 259 -33.37 -4.34 2.12
C ASP A 259 -34.21 -3.07 2.01
N VAL A 260 -34.48 -2.66 0.80
CA VAL A 260 -35.25 -1.44 0.50
C VAL A 260 -36.70 -1.90 0.25
N LEU A 261 -37.61 -1.51 1.13
CA LEU A 261 -39.03 -2.00 1.07
C LEU A 261 -39.96 -0.91 0.51
N ILE A 262 -40.73 -1.26 -0.52
CA ILE A 262 -41.86 -0.46 -1.04
C ILE A 262 -43.12 -1.36 -1.04
N GLY A 263 -44.12 -1.01 -0.24
CA GLY A 263 -45.38 -1.77 -0.18
C GLY A 263 -45.09 -3.20 0.24
N GLY A 264 -44.20 -3.34 1.23
CA GLY A 264 -43.76 -4.65 1.76
C GLY A 264 -42.84 -5.44 0.84
N GLU A 265 -42.62 -5.06 -0.43
CA GLU A 265 -41.78 -5.84 -1.37
C GLU A 265 -40.33 -5.30 -1.39
N THR A 266 -39.35 -6.21 -1.44
CA THR A 266 -37.92 -5.82 -1.49
C THR A 266 -37.60 -5.33 -2.90
N VAL A 267 -37.21 -4.07 -3.07
CA VAL A 267 -36.87 -3.62 -4.44
C VAL A 267 -35.33 -3.51 -4.61
N ASP A 268 -34.57 -3.62 -3.53
CA ASP A 268 -33.10 -3.54 -3.60
C ASP A 268 -32.51 -4.17 -2.37
N THR A 269 -31.30 -4.76 -2.56
CA THR A 269 -30.52 -5.36 -1.47
C THR A 269 -29.04 -4.96 -1.63
N TYR A 270 -28.41 -4.59 -0.53
CA TYR A 270 -27.08 -3.94 -0.51
C TYR A 270 -26.34 -4.43 0.72
N GLU A 271 -25.05 -4.76 0.57
CA GLU A 271 -24.25 -5.37 1.67
C GLU A 271 -23.16 -4.41 2.11
N THR A 272 -22.94 -4.35 3.41
CA THR A 272 -21.88 -3.53 4.05
C THR A 272 -21.17 -4.38 5.10
N ARG A 273 -19.93 -4.73 4.84
CA ARG A 273 -19.03 -5.31 5.86
C ARG A 273 -18.52 -4.18 6.75
N PHE A 274 -18.45 -4.42 8.03
CA PHE A 274 -17.93 -3.46 9.00
C PHE A 274 -17.38 -4.25 10.16
N GLY A 275 -16.67 -3.55 11.00
CA GLY A 275 -16.11 -4.12 12.23
C GLY A 275 -16.48 -3.23 13.38
N ALA A 276 -16.53 -3.80 14.57
CA ALA A 276 -16.75 -2.98 15.77
C ALA A 276 -15.40 -2.77 16.43
N ARG A 277 -14.91 -1.53 16.50
CA ARG A 277 -13.65 -1.27 17.20
C ARG A 277 -13.65 0.17 17.62
N PHE A 278 -12.92 0.51 18.64
CA PHE A 278 -12.77 1.91 19.08
C PHE A 278 -11.29 2.16 19.27
N PHE A 279 -10.86 3.42 19.20
CA PHE A 279 -9.43 3.74 19.33
C PHE A 279 -9.30 5.16 19.82
N LYS A 280 -8.13 5.53 20.29
CA LYS A 280 -7.95 6.86 20.85
C LYS A 280 -6.52 7.32 20.61
N PHE A 281 -6.35 8.57 20.23
CA PHE A 281 -5.07 9.29 20.30
C PHE A 281 -5.13 10.19 21.50
N ASP A 282 -4.19 10.04 22.42
CA ASP A 282 -4.14 10.79 23.69
C ASP A 282 -2.90 11.66 23.67
N ALA A 283 -3.03 12.93 24.00
CA ALA A 283 -1.92 13.91 23.98
C ALA A 283 -0.76 13.44 24.87
N ASN A 284 -1.02 12.67 25.94
CA ASN A 284 0.04 12.29 26.91
C ASN A 284 0.39 10.80 26.82
N GLU A 285 -0.59 9.95 26.53
CA GLU A 285 -0.50 8.45 26.62
C GLU A 285 -0.27 7.82 25.23
N GLY A 286 -0.43 8.58 24.14
CA GLY A 286 -0.31 8.04 22.77
C GLY A 286 -1.55 7.28 22.32
N PHE A 287 -1.37 6.22 21.55
CA PHE A 287 -2.48 5.57 20.83
C PHE A 287 -2.90 4.32 21.59
N SER A 288 -4.14 3.92 21.41
CA SER A 288 -4.70 2.68 22.00
C SER A 288 -5.78 2.19 21.05
N LEU A 289 -5.90 0.88 20.87
CA LEU A 289 -6.94 0.26 20.05
C LEU A 289 -7.79 -0.65 20.97
N ASN A 290 -9.11 -0.42 20.99
CA ASN A 290 -10.03 -1.18 21.87
C ASN A 290 -9.50 -1.11 23.31
N GLY A 291 -8.98 0.03 23.75
CA GLY A 291 -8.50 0.23 25.11
C GLY A 291 -7.12 -0.36 25.37
N LYS A 292 -6.47 -1.00 24.40
CA LYS A 292 -5.07 -1.51 24.62
C LYS A 292 -4.05 -0.49 24.11
N PRO A 293 -3.18 0.07 24.97
CA PRO A 293 -2.09 0.94 24.53
C PRO A 293 -1.09 0.17 23.65
N MET A 294 -0.66 0.81 22.57
CA MET A 294 0.34 0.23 21.64
C MET A 294 0.95 1.39 20.85
N LYS A 295 2.19 1.25 20.39
CA LYS A 295 2.77 2.22 19.45
C LYS A 295 2.28 1.89 18.05
N LEU A 296 2.14 2.90 17.20
CA LEU A 296 1.95 2.67 15.75
C LEU A 296 3.34 2.28 15.19
N TYR A 297 3.45 1.03 14.81
CA TYR A 297 4.61 0.45 14.08
C TYR A 297 4.25 0.49 12.62
N GLY A 298 4.53 1.63 11.98
CA GLY A 298 3.93 1.99 10.69
C GLY A 298 4.94 1.97 9.54
N VAL A 299 4.44 1.72 8.35
CA VAL A 299 5.20 1.90 7.08
C VAL A 299 4.33 2.73 6.15
N SER A 300 5.01 3.51 5.34
CA SER A 300 4.47 4.11 4.12
C SER A 300 4.52 3.09 2.99
N MET A 301 3.46 3.06 2.18
CA MET A 301 3.35 2.19 0.99
C MET A 301 2.84 3.04 -0.17
N HIS A 302 3.55 2.96 -1.29
CA HIS A 302 3.06 3.44 -2.60
C HIS A 302 2.17 2.35 -3.22
N HIS A 303 1.50 2.70 -4.30
CA HIS A 303 0.44 1.89 -4.91
C HIS A 303 1.00 0.91 -5.94
N ASP A 304 2.24 1.07 -6.46
CA ASP A 304 2.69 0.07 -7.47
C ASP A 304 2.91 -1.32 -6.81
N LEU A 305 2.82 -2.35 -7.63
CA LEU A 305 2.98 -3.78 -7.22
C LEU A 305 4.20 -4.37 -7.97
N GLY A 306 5.27 -3.56 -8.13
CA GLY A 306 6.54 -4.04 -8.67
C GLY A 306 6.41 -4.37 -10.14
N ALA A 307 6.62 -5.63 -10.49
CA ALA A 307 6.67 -6.06 -11.89
C ALA A 307 5.28 -6.00 -12.51
N LEU A 308 4.24 -5.82 -11.72
CA LEU A 308 2.86 -5.62 -12.23
C LEU A 308 2.61 -4.13 -12.52
N GLY A 309 3.52 -3.25 -12.12
CA GLY A 309 3.31 -1.80 -12.25
C GLY A 309 2.14 -1.39 -11.33
N ALA A 310 1.31 -0.50 -11.82
CA ALA A 310 0.12 0.00 -11.07
C ALA A 310 -1.07 -0.99 -11.14
N ALA A 311 -1.08 -1.95 -12.09
CA ALA A 311 -2.26 -2.79 -12.38
C ALA A 311 -2.62 -3.61 -11.12
N THR A 312 -3.74 -3.27 -10.50
CA THR A 312 -4.12 -3.78 -9.16
C THR A 312 -4.29 -5.31 -9.23
N ASN A 313 -3.95 -5.96 -8.15
CA ASN A 313 -4.08 -7.43 -8.02
C ASN A 313 -4.23 -7.73 -6.54
N ALA A 314 -5.33 -8.44 -6.16
CA ALA A 314 -5.68 -8.67 -4.73
C ALA A 314 -4.56 -9.48 -4.07
N ARG A 315 -4.10 -10.54 -4.73
CA ARG A 315 -3.04 -11.40 -4.13
C ARG A 315 -1.71 -10.61 -4.03
N ALA A 316 -1.33 -9.87 -5.05
CA ALA A 316 -0.04 -9.10 -4.99
C ALA A 316 -0.06 -8.13 -3.80
N VAL A 317 -1.18 -7.39 -3.62
CA VAL A 317 -1.21 -6.37 -2.53
C VAL A 317 -1.34 -7.05 -1.17
N GLU A 318 -2.08 -8.17 -1.11
CA GLU A 318 -2.15 -8.95 0.13
C GLU A 318 -0.75 -9.45 0.51
N ARG A 319 0.03 -9.92 -0.47
CA ARG A 319 1.39 -10.42 -0.21
C ARG A 319 2.28 -9.31 0.38
N GLN A 320 2.23 -8.11 -0.20
CA GLN A 320 3.02 -6.97 0.35
C GLN A 320 2.68 -6.76 1.82
N LEU A 321 1.37 -6.67 2.13
CA LEU A 321 0.91 -6.34 3.52
C LEU A 321 1.14 -7.52 4.47
N GLN A 322 1.12 -8.77 4.00
CA GLN A 322 1.48 -9.95 4.83
C GLN A 322 2.96 -9.85 5.22
N ILE A 323 3.80 -9.42 4.25
CA ILE A 323 5.27 -9.29 4.52
C ILE A 323 5.47 -8.16 5.53
N MET A 324 4.80 -7.02 5.37
CA MET A 324 4.87 -5.94 6.38
C MET A 324 4.42 -6.48 7.75
N LYS A 325 3.28 -7.16 7.80
CA LYS A 325 2.80 -7.75 9.10
C LYS A 325 3.90 -8.68 9.66
N ASP A 326 4.59 -9.46 8.82
CA ASP A 326 5.68 -10.36 9.27
C ASP A 326 6.83 -9.53 9.88
N MET A 327 6.99 -8.27 9.48
CA MET A 327 8.10 -7.42 9.99
C MET A 327 7.74 -6.88 11.36
N GLY A 328 6.46 -6.99 11.74
CA GLY A 328 5.95 -6.48 13.02
C GLY A 328 5.16 -5.18 12.86
N VAL A 329 4.81 -4.81 11.63
CA VAL A 329 4.01 -3.63 11.30
C VAL A 329 2.58 -3.83 11.85
N ASN A 330 1.99 -2.78 12.39
CA ASN A 330 0.56 -2.79 12.79
C ASN A 330 -0.19 -1.67 12.09
N ALA A 331 0.49 -0.84 11.29
CA ALA A 331 -0.18 0.33 10.70
C ALA A 331 0.45 0.74 9.37
N ILE A 332 -0.36 1.23 8.46
CA ILE A 332 0.08 1.67 7.11
C ILE A 332 -0.39 3.10 6.88
N ARG A 333 0.40 3.87 6.16
CA ARG A 333 0.02 5.19 5.63
C ARG A 333 0.00 5.08 4.13
N GLY A 334 -1.16 5.34 3.54
CA GLY A 334 -1.43 5.33 2.09
C GLY A 334 -0.77 6.56 1.46
N THR A 335 0.55 6.56 1.40
CA THR A 335 1.36 7.69 0.84
C THR A 335 1.32 7.64 -0.69
N HIS A 336 0.76 8.67 -1.36
CA HIS A 336 0.12 9.85 -0.81
C HIS A 336 -1.18 10.10 -1.58
N ASN A 337 -2.12 9.16 -1.42
CA ASN A 337 -3.28 9.05 -2.31
C ASN A 337 -4.15 7.92 -1.78
N PRO A 338 -5.48 7.94 -2.06
CA PRO A 338 -6.35 6.83 -1.67
C PRO A 338 -5.84 5.53 -2.29
N VAL A 339 -5.96 4.48 -1.48
CA VAL A 339 -5.53 3.12 -1.89
C VAL A 339 -6.61 2.44 -2.74
N SER A 340 -6.24 1.34 -3.38
CA SER A 340 -7.17 0.47 -4.15
C SER A 340 -8.16 -0.19 -3.19
N PRO A 341 -9.32 -0.66 -3.69
CA PRO A 341 -10.21 -1.51 -2.88
C PRO A 341 -9.55 -2.83 -2.49
N GLU A 342 -8.60 -3.33 -3.28
CA GLU A 342 -7.87 -4.58 -2.95
C GLU A 342 -6.97 -4.30 -1.76
N PHE A 343 -6.32 -3.15 -1.70
CA PHE A 343 -5.49 -2.77 -0.53
C PHE A 343 -6.36 -2.69 0.74
N LEU A 344 -7.52 -2.05 0.66
CA LEU A 344 -8.50 -1.96 1.82
C LEU A 344 -8.92 -3.35 2.30
N GLU A 345 -9.24 -4.24 1.36
CA GLU A 345 -9.66 -5.63 1.67
C GLU A 345 -8.51 -6.30 2.44
N ALA A 346 -7.27 -6.16 1.95
CA ALA A 346 -6.10 -6.75 2.61
C ALA A 346 -5.95 -6.20 4.03
N VAL A 347 -5.95 -4.89 4.27
CA VAL A 347 -5.74 -4.37 5.65
C VAL A 347 -6.94 -4.81 6.53
N ASN A 348 -8.15 -4.85 5.98
CA ASN A 348 -9.34 -5.25 6.77
C ASN A 348 -9.20 -6.72 7.21
N ASN A 349 -8.71 -7.60 6.32
CA ASN A 349 -8.61 -9.06 6.56
C ASN A 349 -7.34 -9.41 7.35
N LEU A 350 -6.24 -8.67 7.16
CA LEU A 350 -4.97 -9.03 7.83
C LEU A 350 -4.89 -8.45 9.23
N GLY A 351 -5.70 -7.46 9.54
CA GLY A 351 -5.52 -6.77 10.82
C GLY A 351 -4.38 -5.76 10.78
N LEU A 352 -4.55 -4.74 9.93
CA LEU A 352 -3.65 -3.59 9.92
C LEU A 352 -4.48 -2.32 9.94
N LEU A 353 -3.99 -1.34 10.68
CA LEU A 353 -4.55 0.02 10.73
C LEU A 353 -4.06 0.81 9.49
N LEU A 354 -4.87 1.74 9.02
CA LEU A 354 -4.58 2.52 7.80
C LEU A 354 -4.89 3.99 8.04
N ILE A 355 -3.93 4.85 7.71
CA ILE A 355 -4.19 6.30 7.44
C ILE A 355 -4.47 6.42 5.96
N GLU A 356 -5.65 6.88 5.58
CA GLU A 356 -5.95 7.19 4.17
C GLU A 356 -5.62 8.66 3.91
N GLU A 357 -4.89 8.95 2.83
CA GLU A 357 -4.33 10.31 2.55
C GLU A 357 -4.83 10.72 1.19
N ALA A 358 -5.43 11.89 1.09
CA ALA A 358 -6.05 12.38 -0.17
C ALA A 358 -4.97 12.86 -1.13
N PHE A 359 -4.08 13.72 -0.66
CA PHE A 359 -3.38 14.68 -1.57
C PHE A 359 -1.88 14.72 -1.32
N ASP A 360 -1.13 14.83 -2.43
CA ASP A 360 0.34 15.13 -2.39
C ASP A 360 0.56 16.61 -2.68
N CYS A 361 -0.48 17.34 -3.07
CA CYS A 361 -0.41 18.81 -3.35
C CYS A 361 -1.81 19.37 -3.11
N TRP A 362 -1.89 20.65 -2.73
CA TRP A 362 -3.16 21.40 -2.88
C TRP A 362 -3.03 22.23 -4.16
N SER A 363 -3.12 23.57 -4.16
CA SER A 363 -3.10 24.30 -5.45
C SER A 363 -1.67 24.44 -5.97
N GLN A 364 -0.68 24.64 -5.09
CA GLN A 364 0.72 24.76 -5.51
C GLN A 364 1.17 23.41 -6.05
N SER A 365 1.60 23.41 -7.29
CA SER A 365 1.96 22.18 -8.01
C SER A 365 3.40 21.77 -7.60
N LYS A 366 3.61 20.48 -7.47
CA LYS A 366 4.98 19.89 -7.30
C LYS A 366 5.54 19.53 -8.67
N LYS A 367 4.71 19.06 -9.60
CA LYS A 367 5.11 18.71 -10.97
C LYS A 367 4.09 19.33 -11.92
N THR A 368 4.52 19.73 -13.09
CA THR A 368 3.70 20.50 -14.06
C THR A 368 2.26 19.99 -14.16
N TYR A 369 2.09 18.69 -14.41
CA TYR A 369 0.81 18.08 -14.84
C TYR A 369 0.14 17.39 -13.65
N ASP A 370 0.60 17.62 -12.41
CA ASP A 370 0.01 16.95 -11.24
C ASP A 370 -1.40 17.52 -10.99
N TYR A 371 -1.97 17.20 -9.84
CA TYR A 371 -3.38 17.54 -9.53
C TYR A 371 -3.52 19.01 -9.17
N GLY A 372 -2.42 19.70 -8.88
CA GLY A 372 -2.45 21.10 -8.40
C GLY A 372 -3.33 21.99 -9.29
N ARG A 373 -3.23 21.82 -10.59
CA ARG A 373 -3.98 22.63 -11.58
C ARG A 373 -5.50 22.34 -11.53
N PHE A 374 -5.93 21.30 -10.82
CA PHE A 374 -7.36 20.86 -10.77
C PHE A 374 -7.93 21.20 -9.39
N PHE A 375 -7.04 21.33 -8.44
CA PHE A 375 -7.36 21.28 -6.99
C PHE A 375 -8.47 22.28 -6.61
N THR A 376 -8.39 23.53 -7.06
CA THR A 376 -9.33 24.53 -6.55
C THR A 376 -10.76 24.17 -6.99
N ARG A 377 -10.97 23.46 -8.08
CA ARG A 377 -12.35 23.08 -8.48
C ARG A 377 -12.71 21.66 -8.03
N TRP A 378 -11.76 20.73 -7.86
CA TRP A 378 -12.11 19.29 -7.66
C TRP A 378 -11.86 18.82 -6.24
N ALA A 379 -11.20 19.60 -5.37
CA ALA A 379 -10.66 19.08 -4.08
C ALA A 379 -11.84 18.61 -3.20
N GLU A 380 -12.94 19.36 -3.22
CA GLU A 380 -14.11 19.03 -2.36
C GLU A 380 -14.64 17.67 -2.83
N HIS A 381 -14.82 17.52 -4.12
CA HIS A 381 -15.29 16.24 -4.71
C HIS A 381 -14.34 15.10 -4.31
N ASP A 382 -13.03 15.28 -4.50
CA ASP A 382 -12.07 14.18 -4.31
C ASP A 382 -11.92 13.84 -2.83
N VAL A 383 -11.88 14.82 -1.92
CA VAL A 383 -11.70 14.47 -0.49
C VAL A 383 -12.96 13.74 0.00
N LYS A 384 -14.13 14.17 -0.45
CA LYS A 384 -15.43 13.53 -0.04
C LYS A 384 -15.53 12.15 -0.68
N GLU A 385 -15.03 11.95 -1.90
CA GLU A 385 -15.03 10.61 -2.50
C GLU A 385 -14.21 9.68 -1.59
N MET A 386 -13.00 10.08 -1.21
CA MET A 386 -12.12 9.23 -0.39
C MET A 386 -12.90 8.86 0.89
N VAL A 387 -13.41 9.85 1.61
CA VAL A 387 -14.06 9.60 2.96
C VAL A 387 -15.30 8.72 2.78
N ASP A 388 -16.11 8.99 1.76
CA ASP A 388 -17.41 8.28 1.54
C ASP A 388 -17.14 6.83 1.15
N ARG A 389 -16.05 6.58 0.40
CA ARG A 389 -15.64 5.23 -0.04
C ARG A 389 -15.27 4.42 1.20
N GLY A 390 -14.51 5.01 2.10
CA GLY A 390 -13.86 4.24 3.16
C GLY A 390 -14.48 4.33 4.55
N LYS A 391 -15.53 5.10 4.75
CA LYS A 391 -16.05 5.39 6.13
C LYS A 391 -16.50 4.13 6.89
N ASN A 392 -16.86 3.05 6.21
CA ASN A 392 -17.29 1.80 6.90
C ASN A 392 -16.11 0.86 7.20
N GLU A 393 -14.85 1.23 6.84
CA GLU A 393 -13.73 0.25 6.91
C GLU A 393 -13.06 0.31 8.27
N PRO A 394 -13.04 -0.80 9.04
CA PRO A 394 -12.52 -0.79 10.39
C PRO A 394 -11.02 -0.49 10.48
N SER A 395 -10.28 -0.86 9.45
CA SER A 395 -8.82 -0.61 9.34
C SER A 395 -8.52 0.90 9.35
N ILE A 396 -9.39 1.73 8.78
CA ILE A 396 -9.08 3.17 8.61
C ILE A 396 -9.24 3.87 9.96
N ILE A 397 -8.20 4.50 10.44
CA ILE A 397 -8.22 5.21 11.73
C ILE A 397 -8.16 6.73 11.51
N MET A 398 -7.66 7.22 10.39
CA MET A 398 -7.42 8.69 10.28
C MET A 398 -7.51 9.09 8.82
N TRP A 399 -7.85 10.35 8.59
CA TRP A 399 -7.96 10.94 7.25
C TRP A 399 -6.90 12.04 7.15
N SER A 400 -5.90 11.86 6.27
CA SER A 400 -4.84 12.87 6.06
C SER A 400 -5.26 13.80 4.92
N ILE A 401 -5.24 15.11 5.19
CA ILE A 401 -5.62 16.17 4.19
C ILE A 401 -4.45 16.46 3.27
N GLY A 402 -3.25 15.94 3.56
CA GLY A 402 -2.13 16.13 2.64
C GLY A 402 -0.79 15.79 3.22
N ASN A 403 0.18 15.69 2.31
CA ASN A 403 1.60 15.40 2.63
C ASN A 403 2.48 16.51 2.09
N GLU A 404 3.27 17.08 2.95
CA GLU A 404 4.33 18.05 2.56
C GLU A 404 3.71 19.06 1.58
N ILE A 405 2.71 19.78 2.04
CA ILE A 405 1.91 20.67 1.18
C ILE A 405 2.54 22.05 1.30
N TYR A 406 3.10 22.57 0.22
CA TYR A 406 3.75 23.90 0.25
C TYR A 406 2.81 25.00 0.79
N ASP A 407 1.50 24.89 0.49
CA ASP A 407 0.50 25.95 0.78
C ASP A 407 0.41 26.17 2.31
N THR A 408 0.89 25.25 3.15
CA THR A 408 0.59 25.34 4.60
C THR A 408 1.33 26.53 5.26
N THR A 409 2.28 27.18 4.57
CA THR A 409 2.95 28.42 5.07
C THR A 409 2.20 29.69 4.65
N SER A 410 1.04 29.60 3.98
CA SER A 410 0.26 30.74 3.45
C SER A 410 -1.12 30.80 4.10
N PRO A 411 -1.75 32.00 4.19
CA PRO A 411 -3.14 32.13 4.65
C PRO A 411 -4.14 31.42 3.74
N SER A 412 -3.88 31.39 2.44
CA SER A 412 -4.58 30.54 1.44
C SER A 412 -4.56 29.07 1.95
N GLY A 413 -3.43 28.60 2.47
CA GLY A 413 -3.33 27.22 2.98
C GLY A 413 -4.19 27.02 4.19
N VAL A 414 -4.20 27.98 5.09
CA VAL A 414 -5.05 27.92 6.30
C VAL A 414 -6.51 27.73 5.87
N GLU A 415 -6.96 28.49 4.89
CA GLU A 415 -8.39 28.52 4.44
C GLU A 415 -8.68 27.15 3.81
N THR A 416 -7.74 26.67 2.99
CA THR A 416 -7.88 25.32 2.36
C THR A 416 -7.94 24.24 3.47
N ALA A 417 -7.08 24.27 4.45
CA ALA A 417 -7.10 23.25 5.52
C ALA A 417 -8.47 23.28 6.22
N ARG A 418 -9.03 24.45 6.53
CA ARG A 418 -10.40 24.55 7.12
C ARG A 418 -11.45 23.94 6.18
N ASN A 419 -11.36 24.18 4.89
CA ASN A 419 -12.34 23.64 3.92
C ASN A 419 -12.19 22.12 3.95
N LEU A 420 -10.96 21.60 3.90
CA LEU A 420 -10.80 20.13 3.74
C LEU A 420 -11.36 19.44 4.98
N VAL A 421 -11.03 19.91 6.19
CA VAL A 421 -11.54 19.22 7.41
C VAL A 421 -13.08 19.39 7.51
N ARG A 422 -13.64 20.53 7.09
CA ARG A 422 -15.11 20.73 7.07
C ARG A 422 -15.78 19.74 6.13
N TRP A 423 -15.22 19.57 4.93
CA TRP A 423 -15.76 18.65 3.92
C TRP A 423 -15.69 17.20 4.40
N ILE A 424 -14.58 16.84 5.03
CA ILE A 424 -14.41 15.47 5.56
C ILE A 424 -15.53 15.25 6.59
N LYS A 425 -15.68 16.19 7.53
CA LYS A 425 -16.65 16.07 8.65
C LYS A 425 -18.11 16.07 8.18
N GLU A 426 -18.40 16.60 7.01
CA GLU A 426 -19.73 16.47 6.41
C GLU A 426 -20.00 15.00 6.07
N ILE A 427 -19.00 14.14 5.89
CA ILE A 427 -19.20 12.71 5.56
C ILE A 427 -19.01 11.89 6.81
N ASP A 428 -18.00 12.20 7.63
CA ASP A 428 -17.56 11.28 8.72
C ASP A 428 -17.00 12.16 9.82
N THR A 429 -17.54 12.12 11.05
CA THR A 429 -16.97 12.83 12.23
C THR A 429 -16.32 11.84 13.21
N THR A 430 -16.29 10.57 12.90
CA THR A 430 -15.87 9.52 13.86
C THR A 430 -14.35 9.32 13.85
N ARG A 431 -13.63 9.82 12.84
CA ARG A 431 -12.16 9.62 12.79
C ARG A 431 -11.42 10.96 12.83
N PRO A 432 -10.22 11.01 13.43
CA PRO A 432 -9.43 12.23 13.42
C PRO A 432 -8.95 12.58 12.00
N THR A 433 -8.86 13.88 11.76
CA THR A 433 -8.13 14.41 10.59
C THR A 433 -6.67 14.58 11.00
N THR A 434 -5.81 14.51 10.00
CA THR A 434 -4.36 14.65 10.17
C THR A 434 -3.73 15.31 8.93
N ILE A 435 -2.45 15.62 9.06
CA ILE A 435 -1.62 16.10 7.92
C ILE A 435 -0.21 15.59 8.16
N GLY A 436 0.58 15.42 7.09
CA GLY A 436 2.01 15.15 7.25
C GLY A 436 2.81 16.39 6.91
N GLU A 437 3.52 16.95 7.87
CA GLU A 437 4.18 18.27 7.74
C GLU A 437 5.68 18.13 7.95
N ASP A 438 6.43 18.57 6.96
CA ASP A 438 7.91 18.51 6.97
C ASP A 438 8.54 19.87 7.26
N LYS A 439 7.78 20.94 7.16
CA LYS A 439 8.42 22.29 7.13
C LYS A 439 8.67 22.79 8.56
N THR A 440 8.57 21.97 9.63
CA THR A 440 9.08 22.40 10.97
C THR A 440 10.45 21.78 11.24
N ARG A 441 11.04 21.07 10.28
CA ARG A 441 12.30 20.31 10.54
C ARG A 441 13.42 21.28 10.96
N GLY A 442 13.51 22.42 10.30
CA GLY A 442 14.49 23.45 10.64
C GLY A 442 15.91 22.91 10.57
N ASP A 443 16.67 23.00 11.66
CA ASP A 443 18.10 22.61 11.67
C ASP A 443 18.24 21.17 12.18
N LYS A 444 17.17 20.43 12.46
CA LYS A 444 17.28 18.99 12.84
C LYS A 444 17.76 18.82 14.27
N VAL A 445 18.10 19.91 14.97
CA VAL A 445 18.79 19.81 16.28
C VAL A 445 17.95 20.52 17.36
N ASN A 446 17.65 21.80 17.16
CA ASN A 446 16.85 22.65 18.08
C ASN A 446 15.38 22.56 17.71
N VAL A 447 14.52 22.83 18.68
CA VAL A 447 13.05 22.99 18.52
C VAL A 447 12.78 24.15 17.57
N THR A 448 12.10 23.87 16.46
CA THR A 448 11.88 24.89 15.41
C THR A 448 10.69 25.78 15.78
N PRO A 449 10.84 27.13 15.77
CA PRO A 449 9.70 28.03 15.88
C PRO A 449 8.73 27.68 14.74
N ILE A 450 7.47 27.48 15.09
CA ILE A 450 6.46 27.03 14.10
C ILE A 450 5.97 28.25 13.31
N ASP A 451 5.98 28.16 12.02
CA ASP A 451 5.36 29.19 11.14
C ASP A 451 3.93 29.41 11.60
N PRO A 452 3.47 30.69 11.65
CA PRO A 452 2.14 31.01 12.14
C PRO A 452 1.01 30.32 11.37
N ASN A 453 1.17 30.16 10.06
CA ASN A 453 0.13 29.50 9.22
C ASN A 453 0.16 27.99 9.48
N ILE A 454 1.35 27.39 9.58
CA ILE A 454 1.46 25.95 9.95
C ILE A 454 0.81 25.75 11.32
N LEU A 455 1.05 26.67 12.27
CA LEU A 455 0.52 26.55 13.66
C LEU A 455 -0.99 26.50 13.59
N GLU A 456 -1.61 27.36 12.79
CA GLU A 456 -3.10 27.44 12.68
C GLU A 456 -3.63 26.16 12.00
N ILE A 457 -2.88 25.62 11.03
CA ILE A 457 -3.23 24.29 10.44
C ILE A 457 -3.07 23.19 11.49
N PHE A 458 -2.02 23.19 12.29
CA PHE A 458 -1.86 22.18 13.37
C PHE A 458 -3.02 22.29 14.39
N HIS A 459 -3.62 23.47 14.59
CA HIS A 459 -4.83 23.64 15.45
CA HIS A 459 -4.83 23.65 15.45
C HIS A 459 -6.07 23.14 14.70
N THR A 460 -6.05 23.09 13.37
CA THR A 460 -7.24 22.78 12.54
C THR A 460 -7.44 21.26 12.46
N VAL A 461 -6.35 20.49 12.34
CA VAL A 461 -6.43 19.00 12.29
C VAL A 461 -6.58 18.45 13.70
N ASP A 462 -6.99 17.19 13.81
CA ASP A 462 -7.16 16.53 15.13
C ASP A 462 -5.82 16.01 15.62
N VAL A 463 -4.96 15.53 14.71
CA VAL A 463 -3.73 14.80 15.07
C VAL A 463 -2.61 15.31 14.14
N VAL A 464 -1.49 15.68 14.73
CA VAL A 464 -0.38 16.38 14.03
C VAL A 464 0.64 15.32 13.62
N GLY A 465 0.79 15.10 12.31
CA GLY A 465 1.90 14.30 11.76
C GLY A 465 3.12 15.12 11.44
N LEU A 466 4.26 14.74 12.01
CA LEU A 466 5.54 15.36 11.69
C LEU A 466 6.34 14.44 10.75
N ASN A 467 6.83 15.02 9.67
CA ASN A 467 7.77 14.35 8.73
C ASN A 467 9.21 14.75 9.10
N TYR A 468 10.07 13.77 9.43
CA TYR A 468 11.54 13.97 9.56
C TYR A 468 11.88 15.06 10.60
N SER A 469 11.14 15.14 11.72
CA SER A 469 11.23 16.31 12.63
C SER A 469 11.44 15.88 14.10
N GLU A 470 12.33 14.92 14.35
CA GLU A 470 12.60 14.31 15.69
C GLU A 470 12.95 15.40 16.72
N ASN A 471 13.54 16.49 16.26
CA ASN A 471 13.99 17.61 17.11
C ASN A 471 12.80 18.33 17.75
N ASN A 472 11.58 18.12 17.25
CA ASN A 472 10.38 18.80 17.79
C ASN A 472 9.52 17.88 18.66
N TYR A 473 9.82 16.58 18.82
CA TYR A 473 8.87 15.61 19.42
C TYR A 473 8.48 16.02 20.87
N VAL A 474 9.45 16.45 21.65
CA VAL A 474 9.30 16.85 23.09
C VAL A 474 8.83 18.32 23.16
N GLY A 475 9.58 19.23 22.54
CA GLY A 475 9.29 20.68 22.51
C GLY A 475 7.85 21.00 22.14
N TYR A 476 7.29 20.40 21.09
CA TYR A 476 5.92 20.75 20.64
C TYR A 476 4.91 20.19 21.65
N HIS A 477 5.25 19.12 22.35
CA HIS A 477 4.36 18.47 23.32
C HIS A 477 4.25 19.37 24.57
N GLU A 478 5.38 19.88 25.02
CA GLU A 478 5.54 20.87 26.12
C GLU A 478 4.80 22.18 25.78
N GLN A 479 4.99 22.71 24.58
CA GLN A 479 4.43 24.02 24.16
C GLN A 479 2.97 23.88 23.77
N HIS A 480 2.48 22.69 23.46
CA HIS A 480 1.08 22.47 22.99
C HIS A 480 0.58 21.19 23.63
N PRO A 481 0.22 21.25 24.94
CA PRO A 481 -0.11 20.05 25.69
C PRO A 481 -1.36 19.30 25.21
N ASN A 482 -2.17 19.89 24.36
CA ASN A 482 -3.37 19.16 23.87
C ASN A 482 -3.07 18.44 22.54
N TRP A 483 -1.94 18.72 21.90
CA TRP A 483 -1.65 18.06 20.59
C TRP A 483 -1.38 16.55 20.75
N LYS A 484 -1.88 15.79 19.77
CA LYS A 484 -1.57 14.37 19.57
C LYS A 484 -0.55 14.26 18.42
N LEU A 485 0.69 14.00 18.76
CA LEU A 485 1.84 13.95 17.82
C LEU A 485 2.15 12.51 17.41
N TYR A 486 2.56 12.34 16.16
CA TYR A 486 3.11 11.07 15.63
C TYR A 486 4.06 11.44 14.47
N GLY A 487 4.89 10.47 14.07
CA GLY A 487 5.79 10.63 12.91
C GLY A 487 5.09 10.16 11.68
N SER A 488 4.54 11.09 10.88
CA SER A 488 3.80 10.71 9.65
C SER A 488 4.81 10.18 8.60
N GLU A 489 6.07 10.54 8.70
CA GLU A 489 7.10 10.07 7.75
C GLU A 489 8.46 10.13 8.39
N THR A 490 9.12 8.99 8.52
CA THR A 490 10.43 8.92 9.21
C THR A 490 11.51 8.12 8.46
N SER A 491 12.74 8.42 8.83
CA SER A 491 13.99 7.72 8.46
C SER A 491 14.39 8.12 7.04
N SER A 492 13.79 7.50 6.05
CA SER A 492 14.21 7.65 4.64
C SER A 492 15.68 7.24 4.56
N ALA A 493 16.09 6.24 5.33
CA ALA A 493 17.36 5.55 5.12
C ALA A 493 17.28 4.80 3.77
N THR A 494 18.41 4.64 3.09
CA THR A 494 18.51 4.06 1.73
C THR A 494 19.45 2.85 1.76
N ARG A 495 19.07 1.79 1.05
CA ARG A 495 19.73 0.48 1.21
C ARG A 495 19.37 -0.42 0.05
N SER A 496 20.35 -1.20 -0.39
CA SER A 496 20.22 -2.21 -1.45
C SER A 496 20.25 -3.59 -0.81
N ARG A 497 19.40 -4.50 -1.25
CA ARG A 497 19.38 -5.89 -0.70
C ARG A 497 20.73 -6.54 -0.96
N GLY A 498 21.38 -7.02 0.10
CA GLY A 498 22.60 -7.83 -0.08
C GLY A 498 23.84 -6.99 -0.36
N VAL A 499 23.82 -5.68 -0.12
CA VAL A 499 25.01 -4.80 -0.41
C VAL A 499 25.55 -4.28 0.90
N TYR A 500 26.86 -4.44 1.10
CA TYR A 500 27.48 -4.24 2.43
C TYR A 500 28.68 -3.33 2.26
N THR A 501 28.42 -2.11 1.81
CA THR A 501 29.48 -1.13 1.47
C THR A 501 29.79 -0.19 2.64
N HIS A 502 30.96 0.42 2.56
CA HIS A 502 31.47 1.43 3.51
C HIS A 502 31.04 1.09 4.95
N PRO A 503 31.39 -0.11 5.45
CA PRO A 503 30.76 -0.63 6.67
C PRO A 503 30.84 0.26 7.91
N TYR A 504 31.91 1.02 8.08
CA TYR A 504 32.12 1.87 9.30
C TYR A 504 31.84 3.36 9.01
N GLU A 505 31.40 3.70 7.79
N GLU A 505 31.36 3.70 7.83
CA GLU A 505 31.09 5.08 7.32
CA GLU A 505 31.11 5.13 7.47
C GLU A 505 29.57 5.31 7.34
C GLU A 505 29.59 5.33 7.34
N TYR A 506 29.06 6.29 8.08
CA TYR A 506 27.64 6.68 8.06
C TYR A 506 27.54 7.91 7.15
N ASN A 507 26.94 7.72 5.97
CA ASN A 507 26.94 8.72 4.88
C ASN A 507 25.53 9.23 4.62
N LEU A 508 25.39 10.53 4.38
CA LEU A 508 24.11 11.21 4.11
C LEU A 508 24.03 11.56 2.62
N GLY A 509 22.97 11.11 1.97
CA GLY A 509 22.63 11.38 0.58
C GLY A 509 23.86 11.25 -0.32
N THR A 510 24.66 10.22 -0.14
CA THR A 510 25.91 9.93 -0.90
C THR A 510 25.64 8.91 -1.99
N LYS A 511 26.13 9.23 -3.20
CA LYS A 511 26.11 8.34 -4.37
C LYS A 511 27.43 7.58 -4.48
N TYR A 512 27.38 6.36 -4.97
CA TYR A 512 28.58 5.52 -5.19
C TYR A 512 28.56 5.09 -6.67
N ASP A 513 29.73 4.70 -7.13
CA ASP A 513 29.91 4.22 -8.52
C ASP A 513 29.18 2.89 -8.76
N ASP A 514 28.85 2.13 -7.73
CA ASP A 514 28.09 0.86 -7.86
C ASP A 514 26.60 1.13 -8.07
N LEU A 515 26.10 2.38 -7.92
CA LEU A 515 24.64 2.70 -8.02
C LEU A 515 23.81 1.88 -6.99
N GLN A 516 24.39 1.64 -5.82
CA GLN A 516 23.70 0.93 -4.72
C GLN A 516 23.84 1.74 -3.45
N GLN A 517 23.13 1.31 -2.42
CA GLN A 517 23.19 1.90 -1.06
C GLN A 517 23.44 0.75 -0.08
N SER A 518 24.02 1.02 1.07
CA SER A 518 24.54 -0.04 1.99
C SER A 518 23.45 -0.50 2.93
N SER A 519 23.50 -1.78 3.31
CA SER A 519 22.52 -2.41 4.25
C SER A 519 23.14 -2.56 5.64
N TYR A 520 24.11 -1.74 6.00
CA TYR A 520 24.54 -1.55 7.39
C TYR A 520 23.79 -0.41 8.11
N ASP A 521 22.60 0.04 7.65
CA ASP A 521 21.85 1.17 8.28
C ASP A 521 22.75 2.40 8.35
N ASN A 522 23.51 2.64 7.28
CA ASN A 522 24.61 3.63 7.29
C ASN A 522 24.56 4.50 6.02
N ASP A 523 23.44 4.48 5.30
CA ASP A 523 23.16 5.40 4.17
C ASP A 523 21.78 5.98 4.41
N TYR A 524 21.67 7.29 4.40
CA TYR A 524 20.33 7.91 4.56
C TYR A 524 20.37 9.35 4.04
N VAL A 525 19.21 9.87 3.70
CA VAL A 525 19.04 11.18 3.04
C VAL A 525 19.35 12.26 4.07
N PRO A 526 19.85 13.40 3.60
CA PRO A 526 20.32 14.45 4.49
C PRO A 526 19.25 14.96 5.48
N TRP A 527 17.96 14.87 5.11
CA TRP A 527 16.84 15.32 5.97
C TRP A 527 16.41 14.24 6.97
N GLY A 528 16.95 13.03 6.82
CA GLY A 528 16.40 11.81 7.44
C GLY A 528 17.24 11.34 8.60
N ARG A 529 17.11 10.07 8.93
CA ARG A 529 17.86 9.43 10.04
C ARG A 529 18.15 8.00 9.66
N THR A 530 19.11 7.38 10.34
CA THR A 530 19.11 5.89 10.34
C THR A 530 17.76 5.36 10.86
N ALA A 531 17.41 4.16 10.44
CA ALA A 531 16.30 3.39 11.02
C ALA A 531 16.41 3.46 12.55
N GLU A 532 17.59 3.22 13.08
CA GLU A 532 17.82 3.16 14.54
C GLU A 532 17.48 4.51 15.15
N ASP A 533 18.01 5.61 14.61
CA ASP A 533 17.83 6.92 15.25
C ASP A 533 16.37 7.32 15.18
N ALA A 534 15.70 7.13 14.07
CA ALA A 534 14.28 7.52 13.97
C ALA A 534 13.45 6.67 14.96
N TRP A 535 13.82 5.40 15.17
CA TRP A 535 13.11 4.51 16.13
C TRP A 535 13.35 4.99 17.57
N LYS A 536 14.61 5.23 17.96
CA LYS A 536 14.94 5.62 19.35
C LYS A 536 14.14 6.85 19.78
N SER A 537 14.02 7.85 18.91
CA SER A 537 13.34 9.12 19.19
C SER A 537 11.87 8.89 19.54
N ASP A 538 11.27 7.85 18.97
CA ASP A 538 9.85 7.46 19.13
C ASP A 538 9.72 6.53 20.36
N ARG A 539 10.49 5.45 20.35
CA ARG A 539 10.55 4.42 21.43
C ARG A 539 10.53 5.09 22.83
N ASP A 540 11.27 6.17 22.99
CA ASP A 540 11.63 6.81 24.28
C ASP A 540 10.47 7.68 24.84
N LEU A 541 9.40 7.92 24.07
CA LEU A 541 8.38 8.93 24.41
C LEU A 541 7.01 8.24 24.44
N LYS A 542 6.30 8.32 25.56
CA LYS A 542 4.95 7.68 25.63
C LYS A 542 3.94 8.51 24.83
N HIS A 543 4.08 9.83 24.85
CA HIS A 543 3.07 10.74 24.25
C HIS A 543 3.08 10.63 22.72
N PHE A 544 4.19 10.15 22.15
CA PHE A 544 4.36 10.13 20.67
C PHE A 544 3.72 8.83 20.19
N ALA A 545 2.71 8.92 19.33
CA ALA A 545 1.84 7.75 19.05
C ALA A 545 2.59 6.65 18.30
N GLY A 546 3.60 7.01 17.50
CA GLY A 546 4.41 6.03 16.74
C GLY A 546 4.87 6.67 15.43
N GLN A 547 5.13 5.88 14.39
CA GLN A 547 5.80 6.46 13.19
C GLN A 547 5.52 5.57 11.99
N PHE A 548 5.63 6.20 10.83
CA PHE A 548 5.42 5.52 9.54
C PHE A 548 6.72 5.70 8.74
N ILE A 549 7.51 4.66 8.66
CA ILE A 549 8.86 4.77 8.02
C ILE A 549 8.65 4.94 6.50
N TRP A 550 9.57 5.68 5.90
CA TRP A 550 9.69 5.88 4.44
C TRP A 550 10.78 4.90 3.97
N THR A 551 10.47 3.70 3.46
CA THR A 551 9.15 3.10 3.23
C THR A 551 9.16 1.62 3.65
N GLY A 552 8.01 0.98 3.68
CA GLY A 552 7.88 -0.47 3.83
C GLY A 552 8.47 -1.20 2.64
N PHE A 553 7.89 -0.98 1.47
CA PHE A 553 8.32 -1.57 0.19
C PHE A 553 9.02 -0.50 -0.65
N ASP A 554 10.09 -0.90 -1.35
CA ASP A 554 10.54 -0.14 -2.52
C ASP A 554 9.39 0.02 -3.49
N TYR A 555 9.49 1.07 -4.28
CA TYR A 555 8.57 1.38 -5.38
C TYR A 555 9.38 1.94 -6.58
N ILE A 556 8.71 2.08 -7.69
CA ILE A 556 9.33 2.45 -8.97
C ILE A 556 9.44 3.97 -8.97
N GLY A 557 10.56 4.50 -9.48
CA GLY A 557 10.81 5.92 -9.46
C GLY A 557 11.58 6.33 -8.22
N GLU A 558 11.71 7.63 -7.99
CA GLU A 558 12.41 8.28 -6.85
C GLU A 558 13.64 7.50 -6.38
N PRO A 559 14.65 7.31 -7.25
CA PRO A 559 15.86 6.59 -6.89
C PRO A 559 16.87 7.41 -6.08
N THR A 560 16.39 8.32 -5.25
CA THR A 560 17.23 9.10 -4.31
C THR A 560 18.20 8.18 -3.59
N PRO A 561 19.51 8.52 -3.44
CA PRO A 561 20.11 9.82 -3.85
C PRO A 561 20.64 9.94 -5.28
N TYR A 562 20.28 9.02 -6.16
CA TYR A 562 20.69 8.96 -7.60
C TYR A 562 19.70 9.74 -8.47
N TYR A 563 19.74 11.06 -8.31
CA TYR A 563 18.84 12.00 -9.00
C TYR A 563 19.13 11.94 -10.49
N ASP A 564 20.35 11.96 -10.94
CA ASP A 564 20.28 12.07 -12.43
C ASP A 564 21.18 11.03 -13.01
N SER A 565 20.80 9.79 -12.79
CA SER A 565 21.82 8.73 -12.74
C SER A 565 21.24 7.45 -13.35
N TYR A 566 20.50 7.60 -14.45
CA TYR A 566 20.11 6.44 -15.30
C TYR A 566 21.31 5.49 -15.37
N PRO A 567 21.23 4.17 -15.11
CA PRO A 567 19.97 3.45 -14.95
C PRO A 567 19.33 3.30 -13.55
N ALA A 568 19.75 4.09 -12.55
CA ALA A 568 19.06 4.15 -11.23
C ALA A 568 17.60 4.63 -11.48
N LYS A 569 16.61 3.75 -11.32
CA LYS A 569 15.21 4.05 -11.75
C LYS A 569 14.16 3.72 -10.68
N SER A 570 14.50 3.02 -9.60
CA SER A 570 13.51 2.66 -8.57
C SER A 570 14.13 2.86 -7.19
N SER A 571 13.34 2.77 -6.12
CA SER A 571 13.74 3.34 -4.81
C SER A 571 14.73 2.43 -4.09
N TYR A 572 15.39 3.03 -3.12
CA TYR A 572 16.25 2.38 -2.10
C TYR A 572 15.63 2.46 -0.70
N PHE A 573 14.48 3.11 -0.55
CA PHE A 573 13.96 3.42 0.82
C PHE A 573 13.37 2.20 1.53
N GLY A 574 12.95 1.19 0.77
CA GLY A 574 12.13 0.11 1.34
C GLY A 574 12.92 -0.77 2.30
N ALA A 575 12.26 -1.28 3.32
CA ALA A 575 12.73 -2.38 4.17
C ALA A 575 12.74 -3.67 3.38
N VAL A 576 11.88 -3.73 2.37
CA VAL A 576 11.72 -4.89 1.44
C VAL A 576 11.79 -4.38 0.01
N ASP A 577 12.43 -5.13 -0.88
CA ASP A 577 12.66 -4.67 -2.29
C ASP A 577 11.36 -4.88 -3.09
N THR A 578 11.31 -4.41 -4.34
CA THR A 578 10.07 -4.45 -5.16
C THR A 578 9.62 -5.90 -5.35
N ALA A 579 10.54 -6.84 -5.20
CA ALA A 579 10.28 -8.24 -5.52
C ALA A 579 9.69 -8.95 -4.29
N GLY A 580 9.57 -8.25 -3.16
CA GLY A 580 9.08 -8.86 -1.92
C GLY A 580 10.20 -9.50 -1.11
N PHE A 581 11.46 -9.27 -1.49
CA PHE A 581 12.58 -9.90 -0.78
C PHE A 581 13.02 -8.94 0.29
N PRO A 582 13.05 -9.39 1.55
CA PRO A 582 13.46 -8.55 2.66
C PRO A 582 14.94 -8.15 2.53
N LYS A 583 15.26 -6.90 2.89
CA LYS A 583 16.64 -6.44 3.08
C LYS A 583 16.99 -6.72 4.54
N ASP A 584 18.25 -6.56 4.93
CA ASP A 584 18.63 -6.82 6.36
C ASP A 584 17.83 -5.96 7.33
N ILE A 585 17.47 -4.72 6.97
CA ILE A 585 16.77 -3.82 7.90
C ILE A 585 15.38 -4.37 8.30
N PHE A 586 14.78 -5.22 7.48
CA PHE A 586 13.51 -5.91 7.81
C PHE A 586 13.66 -6.59 9.18
N TYR A 587 14.86 -7.14 9.45
CA TYR A 587 15.14 -7.96 10.67
C TYR A 587 15.45 -7.03 11.81
N TYR A 588 16.04 -5.87 11.52
CA TYR A 588 16.17 -4.80 12.52
C TYR A 588 14.77 -4.42 13.02
N TYR A 589 13.82 -4.10 12.15
CA TYR A 589 12.44 -3.77 12.61
C TYR A 589 11.83 -4.95 13.41
N GLN A 590 11.92 -6.17 12.94
CA GLN A 590 11.46 -7.37 13.72
C GLN A 590 12.04 -7.32 15.12
N SER A 591 13.33 -7.07 15.27
CA SER A 591 14.04 -7.06 16.55
C SER A 591 13.49 -5.98 17.49
N GLN A 592 13.00 -4.86 16.95
CA GLN A 592 12.51 -3.76 17.80
C GLN A 592 11.01 -3.92 18.10
N TRP A 593 10.25 -4.55 17.22
CA TRP A 593 8.79 -4.40 17.17
C TRP A 593 8.06 -5.71 17.52
N LYS A 594 8.77 -6.84 17.46
CA LYS A 594 8.17 -8.17 17.70
C LYS A 594 8.69 -8.80 18.99
N LYS A 595 7.87 -9.68 19.59
CA LYS A 595 8.15 -10.37 20.88
C LYS A 595 8.78 -11.75 20.65
N GLU A 596 8.36 -12.46 19.61
CA GLU A 596 8.87 -13.82 19.30
C GLU A 596 10.38 -13.74 19.07
N PRO A 597 11.18 -14.50 19.86
CA PRO A 597 12.63 -14.38 19.83
C PRO A 597 13.18 -14.63 18.43
N MET A 598 14.12 -13.77 18.01
CA MET A 598 14.74 -13.96 16.70
C MET A 598 16.18 -13.46 16.76
N VAL A 599 16.96 -13.86 15.75
CA VAL A 599 18.34 -13.32 15.59
C VAL A 599 18.64 -13.39 14.10
N HIS A 600 19.29 -12.35 13.57
CA HIS A 600 19.56 -12.26 12.13
C HIS A 600 20.97 -11.71 11.95
N LEU A 601 21.82 -12.46 11.28
CA LEU A 601 23.20 -12.03 11.04
C LEU A 601 23.27 -11.28 9.70
N LEU A 602 24.19 -10.32 9.65
CA LEU A 602 24.68 -9.77 8.36
C LEU A 602 26.17 -9.51 8.58
N PRO A 603 27.02 -9.48 7.54
CA PRO A 603 26.63 -9.64 6.15
C PRO A 603 26.57 -11.10 5.72
N HIS A 604 26.71 -11.35 4.41
CA HIS A 604 27.00 -12.70 3.90
C HIS A 604 28.38 -13.17 4.39
N TRP A 605 28.77 -14.39 4.03
CA TRP A 605 30.07 -14.94 4.48
C TRP A 605 30.91 -15.37 3.28
N ASN A 606 31.00 -14.51 2.24
CA ASN A 606 31.88 -14.74 1.04
C ASN A 606 32.84 -13.55 0.94
N TRP A 607 33.94 -13.58 1.67
CA TRP A 607 34.93 -12.49 1.76
C TRP A 607 36.30 -13.05 1.39
N THR A 608 37.35 -12.37 1.80
CA THR A 608 38.74 -12.78 1.51
C THR A 608 39.43 -13.15 2.82
N GLU A 609 40.06 -14.31 2.86
CA GLU A 609 40.70 -14.81 4.10
C GLU A 609 41.47 -13.71 4.81
N GLY A 610 41.26 -13.52 6.10
CA GLY A 610 42.01 -12.57 6.91
C GLY A 610 41.33 -11.21 7.02
N GLU A 611 40.48 -10.84 6.09
CA GLU A 611 39.88 -9.49 6.08
C GLU A 611 38.90 -9.33 7.26
N PRO A 612 38.96 -8.23 8.04
CA PRO A 612 38.09 -8.02 9.20
C PRO A 612 36.69 -7.66 8.70
N VAL A 613 35.70 -8.47 8.97
CA VAL A 613 34.33 -8.22 8.48
C VAL A 613 33.55 -7.58 9.64
N ARG A 614 32.79 -6.53 9.34
CA ARG A 614 31.88 -5.94 10.35
C ARG A 614 30.64 -6.80 10.43
N VAL A 615 30.49 -7.57 11.52
CA VAL A 615 29.36 -8.53 11.64
C VAL A 615 28.34 -7.93 12.60
N LEU A 616 27.07 -7.85 12.18
CA LEU A 616 26.00 -7.37 13.08
C LEU A 616 25.05 -8.52 13.36
N ALA A 617 24.41 -8.47 14.53
CA ALA A 617 23.22 -9.29 14.84
C ALA A 617 22.05 -8.38 15.23
N TYR A 618 20.99 -8.46 14.47
CA TYR A 618 19.68 -7.90 14.83
C TYR A 618 18.97 -8.96 15.69
N THR A 619 18.56 -8.60 16.90
CA THR A 619 18.00 -9.60 17.85
C THR A 619 17.22 -8.87 18.93
N ASN A 620 16.13 -9.53 19.36
CA ASN A 620 15.35 -9.09 20.55
C ASN A 620 15.73 -9.98 21.75
N ALA A 621 16.77 -10.81 21.64
CA ALA A 621 17.33 -11.63 22.73
C ALA A 621 18.24 -10.78 23.59
N HIS A 622 18.43 -11.18 24.85
CA HIS A 622 19.32 -10.48 25.82
C HIS A 622 20.77 -10.50 25.31
N GLN A 623 21.17 -11.61 24.71
CA GLN A 623 22.57 -11.76 24.30
C GLN A 623 22.68 -12.74 23.15
N VAL A 624 23.83 -12.68 22.48
CA VAL A 624 24.16 -13.58 21.37
C VAL A 624 25.62 -13.98 21.52
N GLU A 625 25.87 -15.26 21.26
CA GLU A 625 27.25 -15.76 21.12
C GLU A 625 27.43 -16.12 19.67
N LEU A 626 28.53 -15.65 19.11
CA LEU A 626 28.85 -15.88 17.67
C LEU A 626 29.87 -17.02 17.61
N PHE A 627 29.68 -17.89 16.62
CA PHE A 627 30.54 -19.05 16.36
C PHE A 627 31.03 -18.98 14.92
N LEU A 628 32.29 -19.33 14.73
CA LEU A 628 32.84 -19.54 13.37
C LEU A 628 33.45 -20.92 13.32
N ASN A 629 32.91 -21.74 12.43
CA ASN A 629 33.31 -23.15 12.29
C ASN A 629 33.34 -23.79 13.67
N GLY A 630 32.35 -23.50 14.52
CA GLY A 630 32.13 -24.29 15.74
C GLY A 630 32.82 -23.67 16.95
N LYS A 631 33.63 -22.62 16.77
CA LYS A 631 34.40 -22.01 17.88
C LYS A 631 33.85 -20.61 18.19
N SER A 632 33.71 -20.32 19.48
CA SER A 632 33.14 -19.04 19.98
C SER A 632 34.03 -17.87 19.55
N LEU A 633 33.42 -16.80 19.05
CA LEU A 633 34.10 -15.50 18.83
C LEU A 633 33.64 -14.52 19.91
N GLY A 634 32.90 -15.00 20.91
CA GLY A 634 32.51 -14.13 22.02
C GLY A 634 31.04 -13.79 22.05
N VAL A 635 30.63 -13.46 23.27
CA VAL A 635 29.27 -13.07 23.67
C VAL A 635 29.13 -11.56 23.49
N ARG A 636 28.02 -11.13 22.92
CA ARG A 636 27.62 -9.71 23.00
C ARG A 636 26.25 -9.65 23.62
N GLY A 637 26.05 -8.69 24.52
CA GLY A 637 24.75 -8.52 25.21
C GLY A 637 24.26 -7.09 25.25
N TYR A 638 22.97 -6.98 25.55
CA TYR A 638 22.26 -5.72 25.78
C TYR A 638 22.17 -5.48 27.28
N GLU A 639 21.91 -4.24 27.69
CA GLU A 639 21.27 -3.97 28.99
C GLU A 639 19.74 -4.08 28.85
N ASN A 640 19.07 -4.61 29.87
CA ASN A 640 17.57 -4.66 29.95
C ASN A 640 17.13 -3.28 30.47
N LYS A 641 16.77 -2.34 29.58
CA LYS A 641 16.57 -0.92 29.96
C LYS A 641 15.07 -0.72 30.14
N LYS A 642 14.69 0.43 30.69
CA LYS A 642 13.25 0.82 30.82
C LYS A 642 13.10 2.25 30.37
N THR A 643 12.03 2.58 29.64
CA THR A 643 11.73 3.99 29.28
C THR A 643 11.37 4.71 30.58
N SER A 644 11.20 6.02 30.54
CA SER A 644 10.83 6.86 31.70
C SER A 644 9.53 6.38 32.36
N TRP A 645 8.63 5.71 31.64
CA TRP A 645 7.36 5.21 32.24
C TRP A 645 7.40 3.69 32.41
N GLY A 646 8.58 3.10 32.28
CA GLY A 646 8.87 1.71 32.67
C GLY A 646 8.70 0.70 31.57
N ALA A 647 8.52 1.07 30.28
CA ALA A 647 8.44 0.11 29.16
C ALA A 647 9.84 -0.45 28.92
N PRO A 648 9.97 -1.79 28.90
CA PRO A 648 11.27 -2.46 28.75
C PRO A 648 11.75 -2.35 27.29
N TYR A 649 13.04 -2.24 27.12
CA TYR A 649 13.66 -2.33 25.76
C TYR A 649 15.10 -2.80 25.94
N LYS A 650 15.71 -3.32 24.87
CA LYS A 650 17.12 -3.81 24.88
C LYS A 650 18.01 -2.88 24.11
N GLU A 651 19.06 -2.43 24.78
CA GLU A 651 20.06 -1.53 24.17
C GLU A 651 21.38 -1.79 24.87
N THR A 652 22.48 -1.69 24.16
CA THR A 652 23.82 -1.84 24.77
C THR A 652 24.15 -0.64 25.66
N LYS A 653 25.19 -0.79 26.46
CA LYS A 653 25.68 0.28 27.36
C LYS A 653 26.15 1.46 26.51
N ASP A 654 26.55 1.24 25.26
CA ASP A 654 26.99 2.31 24.33
C ASP A 654 25.80 2.84 23.51
N GLY A 655 24.55 2.46 23.78
CA GLY A 655 23.41 3.07 23.07
C GLY A 655 22.99 2.34 21.79
N LYS A 656 23.52 1.15 21.49
CA LYS A 656 23.18 0.42 20.22
C LYS A 656 21.99 -0.49 20.43
N THR A 657 21.13 -0.61 19.43
CA THR A 657 19.93 -1.47 19.36
C THR A 657 20.21 -2.69 18.50
N TYR A 658 21.49 -3.02 18.38
CA TYR A 658 21.97 -4.24 17.73
C TYR A 658 23.32 -4.65 18.33
N LEU A 659 23.78 -5.86 18.01
CA LEU A 659 25.07 -6.37 18.53
C LEU A 659 26.11 -6.44 17.40
N GLU A 660 27.38 -6.44 17.76
CA GLU A 660 28.46 -6.25 16.78
C GLU A 660 29.73 -7.00 17.17
N TRP A 661 30.37 -7.59 16.16
CA TRP A 661 31.73 -8.18 16.26
C TRP A 661 32.55 -7.67 15.08
N ALA A 662 33.86 -7.74 15.17
CA ALA A 662 34.77 -7.59 14.02
C ALA A 662 35.46 -8.93 13.84
N VAL A 663 35.20 -9.60 12.74
CA VAL A 663 35.64 -11.01 12.58
C VAL A 663 36.62 -11.07 11.42
N PRO A 664 37.90 -11.48 11.65
CA PRO A 664 38.81 -11.86 10.56
C PRO A 664 38.20 -13.03 9.78
N PHE A 665 37.97 -12.83 8.49
CA PHE A 665 37.26 -13.81 7.64
C PHE A 665 38.02 -15.15 7.54
N LYS A 666 37.27 -16.23 7.69
CA LYS A 666 37.69 -17.62 7.41
C LYS A 666 36.46 -18.25 6.86
N ALA A 667 36.57 -18.89 5.70
CA ALA A 667 35.45 -19.55 5.04
C ALA A 667 34.84 -20.64 5.96
N GLY A 668 33.56 -20.88 5.78
CA GLY A 668 32.82 -21.92 6.51
C GLY A 668 31.50 -21.39 6.98
N THR A 669 31.17 -21.62 8.24
CA THR A 669 29.82 -21.34 8.80
C THR A 669 29.93 -20.41 9.99
N LEU A 670 29.27 -19.26 9.89
CA LEU A 670 29.15 -18.27 10.97
C LEU A 670 27.77 -18.52 11.60
N GLU A 671 27.71 -18.67 12.92
CA GLU A 671 26.42 -18.96 13.62
C GLU A 671 26.23 -18.07 14.82
N ALA A 672 25.03 -17.54 14.93
CA ALA A 672 24.60 -16.66 16.01
C ALA A 672 23.67 -17.48 16.90
N VAL A 673 24.04 -17.66 18.16
CA VAL A 673 23.15 -18.34 19.14
C VAL A 673 22.61 -17.28 20.08
N ALA A 674 21.30 -17.00 19.99
CA ALA A 674 20.63 -15.99 20.82
C ALA A 674 20.24 -16.66 22.14
N MET A 675 20.42 -15.95 23.23
CA MET A 675 20.12 -16.53 24.57
C MET A 675 19.38 -15.50 25.41
N ASP A 676 18.52 -15.99 26.31
CA ASP A 676 17.88 -15.16 27.36
C ASP A 676 18.90 -14.82 28.45
N GLU A 677 18.44 -14.04 29.43
CA GLU A 677 19.26 -13.55 30.57
C GLU A 677 20.01 -14.71 31.24
N ASN A 678 19.43 -15.91 31.25
CA ASN A 678 19.94 -17.09 31.98
C ASN A 678 20.93 -17.89 31.13
N GLY A 679 21.14 -17.57 29.85
CA GLY A 679 22.04 -18.34 28.96
C GLY A 679 21.30 -19.42 28.20
N LYS A 680 19.99 -19.50 28.34
CA LYS A 680 19.19 -20.47 27.57
C LYS A 680 19.02 -19.99 26.11
N GLU A 681 19.29 -20.89 25.18
CA GLU A 681 19.20 -20.65 23.71
C GLU A 681 17.72 -20.52 23.30
N ILE A 682 17.40 -19.45 22.59
CA ILE A 682 16.01 -19.09 22.22
C ILE A 682 15.90 -18.82 20.73
N ALA A 683 17.01 -18.70 20.01
CA ALA A 683 16.98 -18.62 18.54
C ALA A 683 18.40 -18.79 17.99
N ARG A 684 18.48 -19.17 16.72
CA ARG A 684 19.79 -19.31 16.05
C ARG A 684 19.68 -18.81 14.62
N ASP A 685 20.80 -18.35 14.09
CA ASP A 685 20.84 -17.99 12.66
C ASP A 685 22.22 -18.36 12.14
N GLN A 686 22.32 -18.71 10.86
CA GLN A 686 23.66 -19.07 10.33
C GLN A 686 23.82 -18.48 8.94
N VAL A 687 25.06 -18.26 8.56
CA VAL A 687 25.41 -17.91 7.15
C VAL A 687 26.63 -18.76 6.78
N THR A 688 26.60 -19.34 5.61
CA THR A 688 27.67 -20.21 5.13
C THR A 688 28.32 -19.61 3.89
N THR A 689 29.65 -19.74 3.79
CA THR A 689 30.38 -19.36 2.56
C THR A 689 29.83 -20.18 1.42
N ALA A 690 29.34 -19.56 0.36
CA ALA A 690 28.86 -20.30 -0.81
C ALA A 690 30.04 -20.71 -1.70
N GLY A 691 29.93 -21.89 -2.31
CA GLY A 691 30.84 -22.39 -3.34
C GLY A 691 30.53 -21.80 -4.72
N ALA A 692 31.11 -22.38 -5.76
CA ALA A 692 30.84 -21.97 -7.15
C ALA A 692 29.34 -22.14 -7.38
N PRO A 693 28.72 -21.21 -8.12
CA PRO A 693 27.35 -21.40 -8.61
C PRO A 693 27.19 -22.72 -9.38
N ALA A 694 26.12 -23.48 -9.11
CA ALA A 694 25.89 -24.83 -9.61
C ALA A 694 24.48 -24.98 -10.15
N ALA A 695 23.49 -24.34 -9.55
CA ALA A 695 22.09 -24.61 -9.95
C ALA A 695 21.19 -23.38 -9.76
N VAL A 696 20.06 -23.38 -10.47
CA VAL A 696 18.92 -22.48 -10.18
C VAL A 696 17.93 -23.26 -9.33
N LYS A 697 17.60 -22.73 -8.18
CA LYS A 697 16.61 -23.34 -7.30
C LYS A 697 15.33 -22.49 -7.37
N LEU A 698 14.19 -23.12 -7.64
CA LEU A 698 12.85 -22.46 -7.63
C LEU A 698 12.07 -22.87 -6.40
N THR A 699 11.45 -21.89 -5.71
CA THR A 699 10.49 -22.08 -4.59
C THR A 699 9.23 -21.24 -4.85
N ALA A 700 8.06 -21.88 -4.86
CA ALA A 700 6.74 -21.20 -4.97
C ALA A 700 6.25 -20.81 -3.57
N ASP A 701 5.78 -19.58 -3.40
CA ASP A 701 5.18 -19.17 -2.10
C ASP A 701 3.87 -19.97 -1.90
N ARG A 702 3.11 -20.21 -2.95
CA ARG A 702 1.85 -20.97 -2.94
C ARG A 702 1.87 -21.95 -4.11
N LYS A 703 1.84 -23.24 -3.78
CA LYS A 703 1.83 -24.37 -4.74
C LYS A 703 0.44 -24.52 -5.37
N VAL A 704 -0.63 -24.08 -4.69
CA VAL A 704 -2.01 -24.15 -5.26
C VAL A 704 -2.66 -22.78 -5.28
N ILE A 705 -3.25 -22.37 -6.39
CA ILE A 705 -3.81 -21.00 -6.54
C ILE A 705 -5.13 -21.22 -7.27
N LYS A 706 -5.98 -20.20 -7.39
CA LYS A 706 -7.34 -20.34 -8.00
C LYS A 706 -7.21 -20.13 -9.49
N ALA A 707 -7.91 -20.97 -10.28
CA ALA A 707 -7.99 -20.81 -11.74
C ALA A 707 -9.02 -19.72 -12.08
N ASP A 708 -8.84 -18.49 -11.58
CA ASP A 708 -9.81 -17.39 -11.76
C ASP A 708 -9.23 -16.34 -12.71
N GLY A 709 -8.02 -16.56 -13.24
CA GLY A 709 -7.41 -15.60 -14.19
C GLY A 709 -6.67 -14.44 -13.48
N THR A 710 -6.72 -14.30 -12.17
CA THR A 710 -6.07 -13.17 -11.46
C THR A 710 -5.19 -13.65 -10.32
N ASP A 711 -5.37 -14.87 -9.77
CA ASP A 711 -4.53 -15.35 -8.65
C ASP A 711 -3.09 -15.60 -9.15
N LEU A 712 -2.15 -15.50 -8.22
CA LEU A 712 -0.70 -15.45 -8.51
C LEU A 712 0.01 -16.40 -7.59
N SER A 713 1.08 -16.95 -8.16
CA SER A 713 2.12 -17.64 -7.40
C SER A 713 3.42 -16.87 -7.61
N PHE A 714 4.10 -16.59 -6.52
CA PHE A 714 5.34 -15.80 -6.50
C PHE A 714 6.48 -16.83 -6.36
N ILE A 715 7.31 -16.93 -7.40
CA ILE A 715 8.35 -17.99 -7.49
C ILE A 715 9.70 -17.33 -7.26
N THR A 716 10.35 -17.66 -6.19
CA THR A 716 11.74 -17.27 -5.91
C THR A 716 12.68 -18.16 -6.71
N ALA A 717 13.59 -17.54 -7.50
CA ALA A 717 14.68 -18.22 -8.22
C ALA A 717 15.97 -17.82 -7.52
N GLU A 718 16.66 -18.78 -6.91
CA GLU A 718 17.96 -18.56 -6.25
C GLU A 718 19.08 -19.22 -7.06
N ILE A 719 20.26 -18.60 -7.00
CA ILE A 719 21.49 -19.23 -7.51
C ILE A 719 22.14 -19.88 -6.32
N VAL A 720 22.27 -21.22 -6.35
CA VAL A 720 22.89 -21.99 -5.25
C VAL A 720 24.15 -22.73 -5.71
N ASP A 721 25.04 -23.00 -4.77
CA ASP A 721 26.23 -23.84 -4.99
C ASP A 721 25.81 -25.34 -4.92
N SER A 722 26.75 -26.24 -5.07
CA SER A 722 26.43 -27.70 -5.16
C SER A 722 25.86 -28.20 -3.82
N LYS A 723 25.98 -27.47 -2.73
CA LYS A 723 25.34 -27.90 -1.46
C LYS A 723 24.02 -27.17 -1.19
N GLY A 724 23.53 -26.36 -2.13
CA GLY A 724 22.24 -25.68 -1.93
C GLY A 724 22.38 -24.33 -1.20
N ASN A 725 23.58 -23.81 -0.97
CA ASN A 725 23.80 -22.51 -0.29
C ASN A 725 23.62 -21.40 -1.35
N VAL A 726 22.79 -20.40 -1.04
CA VAL A 726 22.60 -19.21 -1.94
C VAL A 726 23.93 -18.51 -2.14
N VAL A 727 24.29 -18.21 -3.39
CA VAL A 727 25.53 -17.43 -3.73
C VAL A 727 25.21 -15.94 -3.58
N PRO A 728 25.72 -15.26 -2.55
CA PRO A 728 25.11 -14.02 -2.13
C PRO A 728 25.30 -12.84 -3.10
N ASN A 729 26.27 -12.89 -4.01
N ASN A 729 26.27 -12.95 -4.00
CA ASN A 729 26.43 -11.79 -5.00
CA ASN A 729 26.61 -11.90 -4.99
C ASN A 729 26.07 -12.30 -6.41
C ASN A 729 26.14 -12.32 -6.39
N ALA A 730 25.48 -13.48 -6.54
CA ALA A 730 25.19 -14.02 -7.89
C ALA A 730 24.30 -13.05 -8.68
N ASP A 731 24.55 -12.97 -9.99
CA ASP A 731 23.87 -12.04 -10.94
C ASP A 731 23.55 -12.78 -12.23
N HIS A 732 23.52 -14.10 -12.20
CA HIS A 732 23.31 -14.91 -13.43
C HIS A 732 21.98 -14.56 -14.07
N LEU A 733 21.94 -14.56 -15.39
CA LEU A 733 20.69 -14.41 -16.14
C LEU A 733 19.90 -15.71 -16.06
N ILE A 734 18.64 -15.64 -15.59
CA ILE A 734 17.73 -16.81 -15.54
C ILE A 734 16.69 -16.65 -16.65
N GLN A 735 16.59 -17.64 -17.53
CA GLN A 735 15.60 -17.73 -18.60
C GLN A 735 14.46 -18.57 -18.06
N PHE A 736 13.26 -18.03 -18.07
CA PHE A 736 12.05 -18.76 -17.60
C PHE A 736 11.31 -19.28 -18.81
N HIS A 737 10.78 -20.49 -18.66
CA HIS A 737 9.88 -21.06 -19.67
C HIS A 737 8.64 -21.54 -18.93
N LEU A 738 7.51 -20.97 -19.29
CA LEU A 738 6.24 -21.36 -18.66
C LEU A 738 5.45 -22.24 -19.63
N SER A 739 4.88 -23.30 -19.12
CA SER A 739 3.91 -24.07 -19.93
C SER A 739 2.70 -24.38 -19.05
N GLY A 740 1.55 -24.63 -19.67
CA GLY A 740 0.37 -25.01 -18.89
C GLY A 740 -0.62 -23.85 -18.80
N HIS A 741 -1.43 -23.86 -17.77
CA HIS A 741 -2.68 -23.09 -17.71
C HIS A 741 -2.39 -21.78 -16.97
N GLY A 742 -1.52 -20.96 -17.54
CA GLY A 742 -1.07 -19.74 -16.85
C GLY A 742 -0.20 -18.88 -17.74
N GLU A 743 0.22 -17.75 -17.21
CA GLU A 743 1.09 -16.79 -17.95
C GLU A 743 2.09 -16.22 -16.95
N LEU A 744 3.22 -15.79 -17.50
CA LEU A 744 4.26 -15.10 -16.73
C LEU A 744 3.84 -13.63 -16.61
N ALA A 745 3.38 -13.19 -15.45
CA ALA A 745 2.83 -11.81 -15.29
C ALA A 745 3.96 -10.79 -15.17
N GLY A 746 5.16 -11.25 -14.83
CA GLY A 746 6.28 -10.34 -14.55
C GLY A 746 7.48 -11.06 -13.99
N VAL A 747 8.60 -10.36 -14.06
CA VAL A 747 9.88 -10.77 -13.43
C VAL A 747 10.51 -9.55 -12.76
N ASP A 748 11.31 -9.79 -11.75
CA ASP A 748 11.94 -8.72 -10.94
C ASP A 748 13.13 -9.28 -10.19
N ASN A 749 13.99 -8.37 -9.72
CA ASN A 749 15.08 -8.77 -8.80
C ASN A 749 15.29 -7.70 -7.75
N GLY A 750 14.49 -6.64 -7.79
CA GLY A 750 14.57 -5.60 -6.76
C GLY A 750 15.78 -4.68 -6.93
N ASP A 751 16.55 -4.83 -8.01
CA ASP A 751 17.76 -3.98 -8.20
C ASP A 751 17.30 -2.60 -8.69
N ALA A 752 17.44 -1.58 -7.85
CA ALA A 752 17.08 -0.18 -8.17
C ALA A 752 17.77 0.26 -9.47
N ALA A 753 18.96 -0.26 -9.77
CA ALA A 753 19.78 0.25 -10.88
C ALA A 753 19.68 -0.67 -12.08
N SER A 754 18.70 -1.54 -12.14
CA SER A 754 18.44 -2.38 -13.34
C SER A 754 17.43 -1.67 -14.24
N VAL A 755 17.68 -1.71 -15.55
CA VAL A 755 16.69 -1.31 -16.58
C VAL A 755 16.38 -2.55 -17.41
N GLU A 756 16.52 -3.73 -16.83
CA GLU A 756 15.85 -4.95 -17.36
C GLU A 756 14.33 -4.76 -17.34
N ARG A 757 13.62 -5.33 -18.31
CA ARG A 757 12.15 -5.24 -18.38
C ARG A 757 11.56 -5.97 -17.19
N TYR A 758 10.44 -5.47 -16.68
CA TYR A 758 9.61 -6.23 -15.73
C TYR A 758 8.72 -7.19 -16.51
N LYS A 759 8.31 -6.78 -17.71
CA LYS A 759 7.39 -7.59 -18.54
C LYS A 759 8.26 -8.39 -19.53
N ASP A 760 8.75 -9.53 -19.09
CA ASP A 760 9.73 -10.30 -19.88
C ASP A 760 9.73 -11.72 -19.32
N ASN A 761 10.53 -12.62 -19.92
CA ASN A 761 10.57 -14.03 -19.50
C ASN A 761 12.02 -14.39 -19.10
N LYS A 762 12.80 -13.40 -18.72
CA LYS A 762 14.14 -13.62 -18.18
C LYS A 762 14.47 -12.48 -17.22
N ARG A 763 15.37 -12.74 -16.30
CA ARG A 763 15.81 -11.74 -15.31
C ARG A 763 17.17 -12.21 -14.76
N LYS A 764 18.07 -11.28 -14.53
CA LYS A 764 19.29 -11.53 -13.73
C LYS A 764 18.91 -11.70 -12.27
N ALA A 765 19.56 -12.63 -11.59
CA ALA A 765 19.58 -12.65 -10.12
C ALA A 765 20.23 -11.32 -9.66
N PHE A 766 19.80 -10.82 -8.53
CA PHE A 766 20.49 -9.72 -7.85
C PHE A 766 20.72 -10.23 -6.44
N SER A 767 21.95 -10.13 -5.95
CA SER A 767 22.35 -10.68 -4.64
C SER A 767 21.74 -12.07 -4.50
N GLY A 768 21.83 -12.90 -5.54
CA GLY A 768 21.50 -14.31 -5.38
C GLY A 768 20.12 -14.68 -5.85
N LYS A 769 19.22 -13.72 -6.06
CA LYS A 769 17.80 -14.09 -6.27
C LYS A 769 17.13 -13.28 -7.36
N ALA A 770 16.10 -13.86 -7.95
CA ALA A 770 15.13 -13.16 -8.82
C ALA A 770 13.73 -13.71 -8.51
N LEU A 771 12.74 -13.06 -9.08
CA LEU A 771 11.29 -13.39 -8.89
C LEU A 771 10.64 -13.57 -10.24
N ALA A 772 9.85 -14.62 -10.35
CA ALA A 772 8.90 -14.78 -11.45
C ALA A 772 7.48 -14.79 -10.85
N ILE A 773 6.58 -14.05 -11.46
CA ILE A 773 5.18 -13.97 -11.01
C ILE A 773 4.36 -14.77 -12.01
N VAL A 774 3.78 -15.85 -11.52
CA VAL A 774 2.90 -16.72 -12.35
C VAL A 774 1.42 -16.41 -12.05
N GLN A 775 0.65 -16.16 -13.09
CA GLN A 775 -0.80 -15.88 -12.99
C GLN A 775 -1.55 -17.07 -13.61
N SER A 776 -2.65 -17.42 -12.99
CA SER A 776 -3.57 -18.48 -13.47
C SER A 776 -4.37 -17.99 -14.68
N ASN A 777 -4.99 -18.90 -15.43
CA ASN A 777 -6.08 -18.50 -16.37
C ASN A 777 -7.39 -19.05 -15.79
N LYS A 778 -8.43 -19.06 -16.60
CA LYS A 778 -9.78 -19.46 -16.13
C LYS A 778 -10.00 -20.98 -16.26
N LEU A 779 -9.11 -21.75 -16.89
CA LEU A 779 -9.19 -23.24 -16.93
C LEU A 779 -8.26 -23.80 -15.86
N ASP A 780 -8.74 -24.71 -15.03
CA ASP A 780 -7.88 -25.37 -13.99
C ASP A 780 -6.87 -26.29 -14.70
N GLY A 781 -5.93 -26.83 -13.94
CA GLY A 781 -4.78 -27.53 -14.55
C GLY A 781 -3.48 -27.24 -13.82
N ASN A 782 -2.39 -27.59 -14.47
CA ASN A 782 -1.02 -27.52 -13.93
C ASN A 782 -0.35 -26.36 -14.67
N ILE A 783 0.57 -25.69 -14.00
CA ILE A 783 1.48 -24.71 -14.66
C ILE A 783 2.89 -25.19 -14.35
N THR A 784 3.75 -25.29 -15.35
CA THR A 784 5.16 -25.68 -15.05
C THR A 784 6.06 -24.51 -15.40
N LEU A 785 6.95 -24.18 -14.46
CA LEU A 785 7.97 -23.13 -14.69
C LEU A 785 9.34 -23.82 -14.68
N HIS A 786 10.03 -23.71 -15.80
CA HIS A 786 11.44 -24.16 -16.00
C HIS A 786 12.31 -22.91 -15.95
N ALA A 787 13.41 -22.96 -15.20
CA ALA A 787 14.35 -21.83 -15.11
C ALA A 787 15.76 -22.37 -15.37
N SER A 788 16.43 -21.81 -16.37
CA SER A 788 17.79 -22.20 -16.77
C SER A 788 18.72 -21.00 -16.62
N ALA A 789 20.01 -21.27 -16.51
CA ALA A 789 21.10 -20.28 -16.54
C ALA A 789 22.34 -20.94 -17.17
N GLU A 790 23.10 -20.18 -17.94
CA GLU A 790 24.28 -20.70 -18.70
C GLU A 790 25.21 -21.36 -17.69
N GLY A 791 25.53 -22.61 -17.97
CA GLY A 791 26.55 -23.35 -17.24
C GLY A 791 26.04 -23.87 -15.92
N LEU A 792 24.74 -23.71 -15.58
CA LEU A 792 24.20 -24.20 -14.27
C LEU A 792 23.18 -25.30 -14.52
N SER A 793 22.79 -26.03 -13.51
CA SER A 793 21.63 -26.94 -13.72
C SER A 793 20.30 -26.20 -13.48
N SER A 794 19.28 -26.64 -14.21
CA SER A 794 17.95 -25.98 -14.32
C SER A 794 17.14 -26.23 -13.08
N GLY A 795 16.18 -25.34 -12.80
CA GLY A 795 15.20 -25.52 -11.72
C GLY A 795 13.84 -25.68 -12.35
N ASN A 796 12.92 -26.37 -11.68
CA ASN A 796 11.54 -26.65 -12.18
C ASN A 796 10.59 -26.60 -11.00
N VAL A 797 9.38 -26.12 -11.23
CA VAL A 797 8.31 -26.09 -10.20
C VAL A 797 7.00 -26.21 -10.95
N THR A 798 6.10 -26.98 -10.35
CA THR A 798 4.72 -27.17 -10.85
C THR A 798 3.72 -26.48 -9.91
N ILE A 799 2.82 -25.68 -10.46
CA ILE A 799 1.75 -24.99 -9.69
C ILE A 799 0.45 -25.67 -10.13
N PHE A 800 -0.43 -25.98 -9.17
CA PHE A 800 -1.79 -26.54 -9.43
C PHE A 800 -2.77 -25.38 -9.32
N THR A 801 -3.70 -25.25 -10.27
CA THR A 801 -4.80 -24.26 -10.24
C THR A 801 -6.14 -24.99 -10.07
N THR A 802 -6.99 -24.59 -9.11
CA THR A 802 -8.31 -25.21 -8.76
C THR A 802 -9.44 -24.30 -9.27
N ALA A 803 -10.54 -24.84 -9.85
CA ALA A 803 -11.58 -24.09 -10.60
C ALA A 803 -12.55 -23.37 -9.65
C1 GOL B . 9.21 11.01 -0.35
O1 GOL B . 9.74 11.98 -1.23
C2 GOL B . 7.85 11.43 0.19
O2 GOL B . 6.89 11.34 -0.86
C3 GOL B . 7.89 12.83 0.79
O3 GOL B . 6.77 13.11 1.62
C1 GOL C . -4.31 24.11 21.39
O1 GOL C . -4.81 22.99 20.65
C2 GOL C . -2.85 24.00 21.82
O2 GOL C . -2.00 25.14 21.61
C3 GOL C . -2.69 23.69 23.27
O3 GOL C . -2.16 22.39 23.40
C1 GOL D . -22.08 11.68 -1.97
O1 GOL D . -22.72 10.85 -2.93
C2 GOL D . -20.59 11.38 -1.76
O2 GOL D . -20.05 10.39 -2.65
C3 GOL D . -19.72 12.61 -1.82
O3 GOL D . -20.21 13.66 -1.01
C1 GOL E . -1.07 13.06 -6.81
O1 GOL E . -2.49 13.23 -6.77
C2 GOL E . -0.32 14.01 -7.74
O2 GOL E . -0.72 15.38 -7.58
C3 GOL E . -0.31 13.55 -9.20
O3 GOL E . -1.56 13.60 -9.91
C1 GOL F . 11.28 15.67 2.54
O1 GOL F . 10.46 15.23 1.46
C2 GOL F . 11.60 17.14 2.46
O2 GOL F . 11.33 17.76 3.72
C3 GOL F . 13.04 17.44 2.08
O3 GOL F . 13.19 17.38 0.68
C1 GOL G . -16.44 18.64 -8.88
O1 GOL G . -17.51 17.69 -8.80
C2 GOL G . -16.45 19.25 -10.25
O2 GOL G . -17.77 19.68 -10.58
C3 GOL G . -15.55 20.44 -10.38
O3 GOL G . -15.79 21.06 -11.63
C1 GOL H . -26.77 13.16 0.97
O1 GOL H . -26.11 14.12 1.76
C2 GOL H . -27.00 13.68 -0.43
O2 GOL H . -28.40 13.60 -0.68
C3 GOL H . -26.15 13.01 -1.50
O3 GOL H . -26.86 12.11 -2.36
S SO4 I . 6.69 11.04 27.85
O1 SO4 I . 7.56 12.18 27.85
O2 SO4 I . 7.50 9.84 27.63
O3 SO4 I . 6.04 10.89 29.13
O4 SO4 I . 5.64 11.19 26.86
S SO4 J . 5.00 -11.03 17.95
O1 SO4 J . 6.24 -11.75 17.77
O2 SO4 J . 4.10 -11.82 18.75
O3 SO4 J . 5.30 -9.78 18.66
O4 SO4 J . 4.41 -10.77 16.67
S SO4 K . -18.37 -8.00 -21.67
O1 SO4 K . -17.55 -7.54 -22.78
O2 SO4 K . -17.82 -9.20 -21.12
O3 SO4 K . -18.43 -7.02 -20.60
O4 SO4 K . -19.68 -8.20 -22.20
S SO4 L . -19.54 23.87 2.14
O1 SO4 L . -19.07 23.35 3.38
O2 SO4 L . -20.29 22.85 1.45
O3 SO4 L . -18.43 24.33 1.28
O4 SO4 L . -20.41 24.98 2.42
S SO4 M . -6.60 17.25 -29.51
O1 SO4 M . -5.83 16.08 -29.20
O2 SO4 M . -5.99 17.95 -30.62
O3 SO4 M . -6.62 18.12 -28.38
O4 SO4 M . -7.95 16.89 -29.87
S SO4 N . -19.99 7.90 -35.68
O1 SO4 N . -19.77 8.26 -37.07
O2 SO4 N . -19.09 6.84 -35.33
O3 SO4 N . -19.76 9.05 -34.83
O4 SO4 N . -21.34 7.43 -35.49
CL CL O . -15.97 -0.66 10.48
#